data_2Q5Q
#
_entry.id   2Q5Q
#
_cell.length_a   74.688
_cell.length_b   145.120
_cell.length_c   194.107
_cell.angle_alpha   90.00
_cell.angle_beta   90.00
_cell.angle_gamma   90.00
#
_symmetry.space_group_name_H-M   'C 2 2 21'
#
loop_
_entity.id
_entity.type
_entity.pdbx_description
1 polymer 'Phenylpyruvate decarboxylase'
2 non-polymer 'MAGNESIUM ION'
3 non-polymer '2-{4-[(4-AMINO-2-METHYLPYRIMIDIN-5-YL)METHYL]-3-METHYLTHIOPHEN-2-YL}ETHYL TRIHYDROGEN DIPHOSPHATE'
4 non-polymer '5-PHENYL-2-KETO-VALERIC ACID'
5 non-polymer 'L(+)-TARTARIC ACID'
6 non-polymer GLYCEROL
7 water water
#
_entity_poly.entity_id   1
_entity_poly.type   'polypeptide(L)'
_entity_poly.pdbx_seq_one_letter_code
;MGSSHHHHHHSSGLVPRGSHMKLAEALLRALKDRGAQAMFGIPGDFALPFFKVAEETQILPLHTLSHEPAVGFAADAAAR
YSSTLGVAAVTYGAGAFNMVNAVAGAYAEKSPVVVISGAPGTTEGNAGLLLHHQGRTLDTQFQVFKEITVAQARLDDPAK
APAEIARVLGAARAQSRPVYLEIPRNMVNAEVEPVGDDPAWPVDRDALAACADEVLAAMRSATSPVLMVCVEVRRYGLEA
KVAELAQRLGVPVVTTFMGRGLLADAPTPPLGTYIGVAGDAEITRLVEESDGLFLLGAILSDTNFAVSQRKIDLRKTIHA
FDRAVTLGYHTYADIPLAGLVDALLERLPPSDRTTRGKEPHAYPTGLQADGEPIAPMDIARAVNDRVRAGQEPLLIAADM
GDCLFTAMDMIDAGLMAPGYYAGMGFGVPAGIGAQCVSGGKRILTVVGDGAFQMTGWELGNCRRLGIDPIVILFNNASWE
MLRTFQPESAFNDLDDWRFADMAAGMGGDGVRVRTRAELKAALDKAFATRGRFQLIEAMIPRGVLSDTLARFVQGQKRLH
AAPRE
;
_entity_poly.pdbx_strand_id   A,B
#
# COMPACT_ATOMS: atom_id res chain seq x y z
N SER A 19 -16.62 -13.87 -35.74
CA SER A 19 -16.04 -14.61 -34.58
C SER A 19 -15.93 -13.73 -33.33
N HIS A 20 -16.52 -14.18 -32.23
CA HIS A 20 -16.47 -13.45 -30.97
C HIS A 20 -15.77 -14.28 -29.92
N MET A 21 -15.47 -13.65 -28.80
CA MET A 21 -14.87 -14.35 -27.69
C MET A 21 -15.25 -13.62 -26.41
N LYS A 22 -14.93 -14.22 -25.26
CA LYS A 22 -15.27 -13.58 -24.02
C LYS A 22 -14.37 -12.36 -23.81
N LEU A 23 -14.92 -11.35 -23.16
CA LEU A 23 -14.19 -10.12 -22.92
C LEU A 23 -12.85 -10.32 -22.22
N ALA A 24 -12.84 -11.06 -21.13
CA ALA A 24 -11.58 -11.26 -20.40
C ALA A 24 -10.55 -11.92 -21.28
N GLU A 25 -10.99 -12.91 -22.05
CA GLU A 25 -10.07 -13.61 -22.93
C GLU A 25 -9.56 -12.65 -24.01
N ALA A 26 -10.44 -11.81 -24.54
CA ALA A 26 -10.03 -10.86 -25.57
C ALA A 26 -8.99 -9.89 -25.02
N LEU A 27 -9.16 -9.47 -23.76
CA LEU A 27 -8.19 -8.55 -23.16
C LEU A 27 -6.86 -9.25 -22.97
N LEU A 28 -6.89 -10.46 -22.42
CA LEU A 28 -5.64 -11.17 -22.19
C LEU A 28 -4.88 -11.36 -23.50
N ARG A 29 -5.60 -11.73 -24.57
CA ARG A 29 -4.98 -11.91 -25.88
C ARG A 29 -4.45 -10.61 -26.45
N ALA A 30 -5.18 -9.52 -26.22
CA ALA A 30 -4.76 -8.20 -26.70
C ALA A 30 -3.45 -7.81 -26.00
N LEU A 31 -3.32 -8.19 -24.74
CA LEU A 31 -2.12 -7.89 -23.96
C LEU A 31 -0.94 -8.71 -24.46
N LYS A 32 -1.19 -9.99 -24.69
CA LYS A 32 -0.14 -10.86 -25.19
C LYS A 32 0.30 -10.41 -26.58
N ASP A 33 -0.65 -9.97 -27.41
CA ASP A 33 -0.32 -9.49 -28.76
C ASP A 33 0.60 -8.28 -28.72
N ARG A 34 0.53 -7.55 -27.61
CA ARG A 34 1.35 -6.36 -27.43
C ARG A 34 2.64 -6.65 -26.67
N GLY A 35 2.92 -7.92 -26.41
CA GLY A 35 4.18 -8.26 -25.75
C GLY A 35 4.19 -8.58 -24.28
N ALA A 36 3.04 -8.46 -23.61
CA ALA A 36 2.94 -8.78 -22.19
C ALA A 36 3.39 -10.22 -22.04
N GLN A 37 4.17 -10.50 -21.00
CA GLN A 37 4.71 -11.84 -20.77
C GLN A 37 4.15 -12.56 -19.56
N ALA A 38 3.42 -11.84 -18.72
CA ALA A 38 2.87 -12.43 -17.54
C ALA A 38 1.87 -11.50 -16.92
N MET A 39 1.11 -12.03 -15.98
CA MET A 39 0.18 -11.22 -15.24
C MET A 39 0.38 -11.49 -13.76
N PHE A 40 0.63 -10.41 -13.03
CA PHE A 40 0.82 -10.47 -11.60
C PHE A 40 -0.51 -10.04 -10.96
N GLY A 41 -0.86 -10.66 -9.84
CA GLY A 41 -2.10 -10.26 -9.20
C GLY A 41 -2.42 -10.94 -7.88
N ILE A 42 -3.42 -10.38 -7.21
CA ILE A 42 -3.94 -10.93 -5.96
C ILE A 42 -5.45 -10.80 -6.18
N PRO A 43 -6.18 -11.92 -6.10
CA PRO A 43 -7.63 -11.94 -6.30
C PRO A 43 -8.45 -11.43 -5.14
N GLY A 44 -9.75 -11.31 -5.40
CA GLY A 44 -10.73 -10.85 -4.42
C GLY A 44 -12.06 -11.32 -5.00
N ASP A 45 -13.15 -11.35 -4.23
CA ASP A 45 -14.38 -11.87 -4.82
C ASP A 45 -14.80 -11.17 -6.12
N PHE A 46 -14.67 -9.84 -6.19
CA PHE A 46 -15.05 -9.14 -7.42
C PHE A 46 -14.15 -9.51 -8.60
N ALA A 47 -12.93 -9.94 -8.30
CA ALA A 47 -12.03 -10.30 -9.38
C ALA A 47 -11.93 -11.82 -9.64
N LEU A 48 -12.65 -12.63 -8.86
CA LEU A 48 -12.55 -14.07 -9.05
C LEU A 48 -12.89 -14.55 -10.47
N PRO A 49 -14.03 -14.11 -11.05
CA PRO A 49 -14.34 -14.57 -12.41
C PRO A 49 -13.21 -14.28 -13.41
N PHE A 50 -12.59 -13.10 -13.26
CA PHE A 50 -11.50 -12.73 -14.13
C PHE A 50 -10.25 -13.59 -13.91
N PHE A 51 -9.88 -13.84 -12.66
CA PHE A 51 -8.70 -14.66 -12.39
C PHE A 51 -8.94 -16.08 -12.88
N LYS A 52 -10.20 -16.52 -12.85
CA LYS A 52 -10.53 -17.86 -13.32
C LYS A 52 -10.20 -17.98 -14.80
N VAL A 53 -10.61 -16.99 -15.58
CA VAL A 53 -10.32 -16.98 -17.02
C VAL A 53 -8.79 -16.94 -17.22
N ALA A 54 -8.10 -16.10 -16.46
CA ALA A 54 -6.64 -16.00 -16.58
C ALA A 54 -5.96 -17.34 -16.32
N GLU A 55 -6.37 -18.01 -15.25
CA GLU A 55 -5.77 -19.28 -14.87
C GLU A 55 -6.08 -20.41 -15.84
N GLU A 56 -7.36 -20.55 -16.21
CA GLU A 56 -7.75 -21.61 -17.10
C GLU A 56 -7.30 -21.46 -18.56
N THR A 57 -7.22 -20.23 -19.08
CA THR A 57 -6.79 -20.03 -20.45
C THR A 57 -5.28 -20.07 -20.56
N GLN A 58 -4.60 -19.63 -19.51
CA GLN A 58 -3.14 -19.61 -19.50
C GLN A 58 -2.55 -18.74 -20.62
N ILE A 59 -3.31 -17.76 -21.09
CA ILE A 59 -2.83 -16.87 -22.16
C ILE A 59 -1.62 -16.13 -21.62
N LEU A 60 -1.72 -15.66 -20.39
CA LEU A 60 -0.59 -14.99 -19.75
C LEU A 60 -0.27 -15.76 -18.48
N PRO A 61 1.00 -16.12 -18.27
CA PRO A 61 1.33 -16.84 -17.04
C PRO A 61 0.83 -16.02 -15.85
N LEU A 62 0.07 -16.62 -14.96
CA LEU A 62 -0.46 -15.92 -13.78
C LEU A 62 0.41 -16.14 -12.53
N HIS A 63 0.98 -15.05 -12.01
CA HIS A 63 1.82 -15.13 -10.82
C HIS A 63 1.20 -14.33 -9.69
N THR A 64 0.89 -14.99 -8.57
CA THR A 64 0.31 -14.24 -7.46
C THR A 64 1.41 -13.86 -6.46
N LEU A 65 1.15 -12.82 -5.68
CA LEU A 65 2.10 -12.38 -4.67
C LEU A 65 1.36 -12.27 -3.35
N SER A 66 2.03 -11.72 -2.34
CA SER A 66 1.40 -11.62 -1.02
C SER A 66 0.60 -10.36 -0.74
N HIS A 67 1.12 -9.21 -1.18
CA HIS A 67 0.52 -7.92 -0.92
C HIS A 67 0.52 -7.11 -2.23
N GLU A 68 -0.52 -6.31 -2.45
CA GLU A 68 -0.64 -5.56 -3.69
C GLU A 68 0.52 -4.62 -4.08
N PRO A 69 1.20 -3.97 -3.12
CA PRO A 69 2.30 -3.11 -3.56
C PRO A 69 3.26 -3.91 -4.47
N ALA A 70 3.54 -5.15 -4.07
CA ALA A 70 4.42 -6.05 -4.81
C ALA A 70 3.84 -6.38 -6.19
N VAL A 71 2.52 -6.52 -6.28
CA VAL A 71 1.91 -6.80 -7.57
C VAL A 71 2.26 -5.63 -8.50
N GLY A 72 2.12 -4.40 -7.99
CA GLY A 72 2.41 -3.23 -8.79
C GLY A 72 3.87 -3.12 -9.20
N PHE A 73 4.76 -3.36 -8.24
CA PHE A 73 6.20 -3.29 -8.50
C PHE A 73 6.69 -4.38 -9.44
N ALA A 74 6.15 -5.59 -9.26
CA ALA A 74 6.56 -6.73 -10.09
C ALA A 74 6.14 -6.50 -11.54
N ALA A 75 4.93 -5.98 -11.72
CA ALA A 75 4.44 -5.72 -13.07
C ALA A 75 5.28 -4.61 -13.70
N ASP A 76 5.59 -3.59 -12.90
CA ASP A 76 6.42 -2.46 -13.35
C ASP A 76 7.79 -3.03 -13.82
N ALA A 77 8.41 -3.86 -12.99
CA ALA A 77 9.70 -4.46 -13.31
C ALA A 77 9.65 -5.30 -14.59
N ALA A 78 8.59 -6.10 -14.73
CA ALA A 78 8.45 -6.94 -15.92
C ALA A 78 8.39 -6.04 -17.17
N ALA A 79 7.69 -4.91 -17.06
CA ALA A 79 7.57 -3.98 -18.17
C ALA A 79 8.92 -3.35 -18.48
N ARG A 80 9.69 -3.06 -17.44
CA ARG A 80 11.01 -2.46 -17.64
C ARG A 80 11.97 -3.46 -18.27
N TYR A 81 11.90 -4.70 -17.79
CA TYR A 81 12.76 -5.79 -18.25
C TYR A 81 12.60 -6.04 -19.75
N SER A 82 11.35 -6.15 -20.20
CA SER A 82 11.10 -6.45 -21.61
C SER A 82 10.65 -5.29 -22.51
N SER A 83 10.71 -4.05 -22.01
CA SER A 83 10.30 -2.88 -22.79
C SER A 83 8.93 -3.15 -23.42
N THR A 84 8.03 -3.66 -22.60
CA THR A 84 6.70 -3.96 -23.08
C THR A 84 5.73 -3.67 -21.95
N LEU A 85 4.48 -4.05 -22.14
CA LEU A 85 3.45 -3.82 -21.13
C LEU A 85 3.60 -4.78 -19.95
N GLY A 86 3.37 -4.24 -18.75
CA GLY A 86 3.40 -5.03 -17.53
C GLY A 86 1.93 -5.16 -17.18
N VAL A 87 1.54 -6.22 -16.49
CA VAL A 87 0.13 -6.42 -16.15
C VAL A 87 -0.05 -6.71 -14.67
N ALA A 88 -0.91 -5.92 -14.02
CA ALA A 88 -1.18 -6.07 -12.58
C ALA A 88 -2.68 -6.16 -12.35
N ALA A 89 -3.12 -7.32 -11.87
CA ALA A 89 -4.54 -7.56 -11.64
C ALA A 89 -4.88 -7.59 -10.16
N VAL A 90 -5.90 -6.83 -9.78
CA VAL A 90 -6.31 -6.76 -8.38
C VAL A 90 -7.81 -6.76 -8.23
N THR A 91 -8.27 -6.83 -7.00
CA THR A 91 -9.70 -6.77 -6.78
C THR A 91 -10.09 -5.32 -6.46
N TYR A 92 -11.39 -5.07 -6.47
CA TYR A 92 -11.96 -3.76 -6.23
C TYR A 92 -11.60 -3.21 -4.85
N GLY A 93 -11.31 -1.91 -4.79
CA GLY A 93 -11.00 -1.23 -3.54
C GLY A 93 -9.78 -1.70 -2.75
N ALA A 94 -9.99 -2.66 -1.87
CA ALA A 94 -8.89 -3.19 -1.02
C ALA A 94 -7.69 -3.60 -1.86
N GLY A 95 -7.92 -4.09 -3.08
CA GLY A 95 -6.78 -4.46 -3.90
C GLY A 95 -6.20 -3.22 -4.59
N ALA A 96 -7.00 -2.60 -5.43
CA ALA A 96 -6.58 -1.43 -6.20
C ALA A 96 -6.03 -0.24 -5.41
N PHE A 97 -6.71 0.15 -4.35
CA PHE A 97 -6.21 1.29 -3.58
C PHE A 97 -4.88 0.94 -2.92
N ASN A 98 -4.63 -0.35 -2.76
CA ASN A 98 -3.39 -0.80 -2.11
C ASN A 98 -2.22 -0.81 -3.11
N MET A 99 -2.50 -0.41 -4.34
CA MET A 99 -1.49 -0.40 -5.37
C MET A 99 -1.26 1.01 -5.94
N VAL A 100 -1.94 2.00 -5.36
CA VAL A 100 -1.82 3.39 -5.81
C VAL A 100 -0.37 3.90 -5.78
N ASN A 101 0.35 3.56 -4.71
CA ASN A 101 1.74 4.02 -4.59
C ASN A 101 2.67 3.43 -5.64
N ALA A 102 2.56 2.13 -5.89
CA ALA A 102 3.40 1.48 -6.89
C ALA A 102 3.06 2.01 -8.29
N VAL A 103 1.78 2.28 -8.54
CA VAL A 103 1.36 2.78 -9.85
C VAL A 103 1.77 4.26 -10.01
N ALA A 104 1.70 5.04 -8.93
CA ALA A 104 2.13 6.43 -8.99
C ALA A 104 3.60 6.41 -9.39
N GLY A 105 4.34 5.44 -8.84
CA GLY A 105 5.76 5.30 -9.15
C GLY A 105 6.00 4.93 -10.60
N ALA A 106 5.19 4.02 -11.13
CA ALA A 106 5.33 3.62 -12.53
C ALA A 106 5.00 4.80 -13.43
N TYR A 107 4.01 5.58 -13.03
CA TYR A 107 3.64 6.76 -13.81
C TYR A 107 4.85 7.72 -13.83
N ALA A 108 5.42 7.97 -12.65
CA ALA A 108 6.55 8.87 -12.55
C ALA A 108 7.76 8.41 -13.36
N GLU A 109 8.03 7.11 -13.35
CA GLU A 109 9.19 6.58 -14.07
C GLU A 109 8.87 6.00 -15.43
N LYS A 110 7.71 6.38 -15.95
CA LYS A 110 7.28 5.97 -17.28
C LYS A 110 7.31 4.47 -17.59
N SER A 111 6.65 3.68 -16.76
CA SER A 111 6.59 2.25 -17.01
C SER A 111 5.13 1.96 -17.32
N PRO A 112 4.86 1.32 -18.48
CA PRO A 112 3.48 1.01 -18.89
C PRO A 112 2.83 -0.18 -18.17
N VAL A 113 2.42 0.06 -16.93
CA VAL A 113 1.75 -0.97 -16.14
C VAL A 113 0.24 -0.93 -16.41
N VAL A 114 -0.30 -2.04 -16.91
CA VAL A 114 -1.73 -2.11 -17.14
C VAL A 114 -2.40 -2.60 -15.87
N VAL A 115 -3.14 -1.71 -15.22
CA VAL A 115 -3.86 -2.05 -14.00
C VAL A 115 -5.25 -2.55 -14.36
N ILE A 116 -5.54 -3.78 -13.96
CA ILE A 116 -6.84 -4.38 -14.22
C ILE A 116 -7.51 -4.65 -12.89
N SER A 117 -8.60 -3.96 -12.64
CA SER A 117 -9.30 -4.18 -11.39
C SER A 117 -10.67 -4.80 -11.57
N GLY A 118 -11.00 -5.76 -10.71
CA GLY A 118 -12.32 -6.33 -10.74
C GLY A 118 -13.22 -5.24 -10.15
N ALA A 119 -14.53 -5.38 -10.34
CA ALA A 119 -15.47 -4.37 -9.84
C ALA A 119 -16.85 -4.98 -9.76
N PRO A 120 -17.76 -4.33 -9.02
CA PRO A 120 -19.12 -4.88 -8.92
C PRO A 120 -19.72 -4.96 -10.32
N GLY A 121 -20.63 -5.90 -10.53
CA GLY A 121 -21.27 -6.03 -11.83
C GLY A 121 -22.08 -4.77 -12.11
N THR A 122 -22.39 -4.54 -13.38
CA THR A 122 -23.15 -3.36 -13.78
C THR A 122 -24.54 -3.23 -13.16
N THR A 123 -25.08 -4.32 -12.61
CA THR A 123 -26.40 -4.25 -11.99
C THR A 123 -26.35 -4.31 -10.47
N GLU A 124 -25.14 -4.34 -9.92
CA GLU A 124 -24.98 -4.39 -8.48
C GLU A 124 -24.97 -2.98 -7.91
N GLY A 125 -25.18 -2.86 -6.61
CA GLY A 125 -25.18 -1.54 -5.99
C GLY A 125 -26.47 -0.77 -6.17
N ASN A 126 -27.51 -1.43 -6.65
CA ASN A 126 -28.80 -0.77 -6.84
C ASN A 126 -29.86 -1.30 -5.88
N ALA A 127 -29.43 -2.04 -4.86
CA ALA A 127 -30.36 -2.60 -3.90
C ALA A 127 -30.41 -1.83 -2.58
N GLY A 128 -29.96 -0.59 -2.60
CA GLY A 128 -29.96 0.22 -1.38
C GLY A 128 -28.85 -0.08 -0.40
N LEU A 129 -27.90 -0.90 -0.81
CA LEU A 129 -26.79 -1.26 0.08
C LEU A 129 -25.44 -0.84 -0.46
N LEU A 130 -24.55 -0.48 0.45
CA LEU A 130 -23.18 -0.11 0.13
C LEU A 130 -22.47 -1.45 -0.05
N LEU A 131 -21.50 -1.50 -0.95
CA LEU A 131 -20.80 -2.74 -1.25
C LEU A 131 -19.39 -2.74 -0.67
N HIS A 132 -19.03 -3.83 -0.01
CA HIS A 132 -17.70 -3.95 0.57
C HIS A 132 -16.67 -3.56 -0.48
N HIS A 133 -15.65 -2.81 -0.04
CA HIS A 133 -14.55 -2.32 -0.88
C HIS A 133 -14.82 -1.01 -1.63
N GLN A 134 -16.08 -0.55 -1.70
CA GLN A 134 -16.29 0.70 -2.41
C GLN A 134 -15.79 1.89 -1.63
N GLY A 135 -15.45 2.95 -2.37
CA GLY A 135 -15.05 4.18 -1.72
C GLY A 135 -16.34 4.96 -1.46
N ARG A 136 -16.24 6.28 -1.26
CA ARG A 136 -17.40 7.11 -1.00
C ARG A 136 -18.53 6.74 -1.98
N THR A 137 -18.18 6.60 -3.25
CA THR A 137 -19.18 6.16 -4.24
C THR A 137 -18.55 5.00 -5.00
N LEU A 138 -19.33 4.35 -5.84
CA LEU A 138 -18.82 3.23 -6.61
C LEU A 138 -17.75 3.67 -7.61
N ASP A 139 -17.78 4.94 -8.00
CA ASP A 139 -16.84 5.50 -9.00
C ASP A 139 -15.62 6.15 -8.36
N THR A 140 -15.55 6.16 -7.03
CA THR A 140 -14.43 6.78 -6.36
C THR A 140 -13.07 6.20 -6.79
N GLN A 141 -13.00 4.88 -6.91
CA GLN A 141 -11.76 4.25 -7.33
C GLN A 141 -11.31 4.74 -8.70
N PHE A 142 -12.25 4.79 -9.64
CA PHE A 142 -11.98 5.23 -11.00
C PHE A 142 -11.38 6.65 -10.96
N GLN A 143 -12.01 7.53 -10.19
CA GLN A 143 -11.56 8.92 -10.07
C GLN A 143 -10.13 8.99 -9.53
N VAL A 144 -9.83 8.17 -8.55
CA VAL A 144 -8.49 8.14 -7.99
C VAL A 144 -7.49 7.65 -9.05
N PHE A 145 -7.79 6.56 -9.74
CA PHE A 145 -6.83 6.10 -10.75
C PHE A 145 -6.62 7.05 -11.93
N LYS A 146 -7.58 7.94 -12.18
CA LYS A 146 -7.39 8.92 -13.27
C LYS A 146 -6.19 9.84 -12.95
N GLU A 147 -5.86 9.99 -11.67
CA GLU A 147 -4.74 10.87 -11.27
C GLU A 147 -3.35 10.27 -11.46
N ILE A 148 -3.30 8.94 -11.61
CA ILE A 148 -2.05 8.23 -11.74
C ILE A 148 -1.92 7.34 -12.98
N THR A 149 -2.77 7.57 -13.97
CA THR A 149 -2.73 6.81 -15.23
C THR A 149 -3.00 7.79 -16.40
N VAL A 150 -2.58 7.42 -17.60
CA VAL A 150 -2.77 8.28 -18.76
C VAL A 150 -4.03 7.99 -19.55
N ALA A 151 -4.65 6.84 -19.29
CA ALA A 151 -5.89 6.49 -19.95
C ALA A 151 -6.64 5.50 -19.07
N GLN A 152 -7.96 5.54 -19.13
CA GLN A 152 -8.80 4.67 -18.32
C GLN A 152 -10.05 4.24 -19.09
N ALA A 153 -10.63 3.10 -18.70
CA ALA A 153 -11.87 2.63 -19.25
C ALA A 153 -12.53 1.63 -18.34
N ARG A 154 -13.84 1.78 -18.19
CA ARG A 154 -14.63 0.82 -17.44
C ARG A 154 -15.23 0.00 -18.58
N LEU A 155 -14.95 -1.30 -18.61
CA LEU A 155 -15.45 -2.15 -19.68
C LEU A 155 -16.85 -2.68 -19.32
N ASP A 156 -17.82 -1.77 -19.36
CA ASP A 156 -19.20 -2.08 -19.01
C ASP A 156 -20.14 -2.14 -20.20
N ASP A 157 -19.58 -2.11 -21.41
CA ASP A 157 -20.36 -2.17 -22.65
C ASP A 157 -19.65 -3.08 -23.66
N PRO A 158 -20.10 -4.32 -23.81
CA PRO A 158 -19.48 -5.26 -24.75
C PRO A 158 -19.21 -4.72 -26.16
N ALA A 159 -20.16 -3.95 -26.67
CA ALA A 159 -20.04 -3.37 -28.01
C ALA A 159 -18.85 -2.43 -28.16
N LYS A 160 -18.54 -1.69 -27.10
CA LYS A 160 -17.45 -0.72 -27.07
C LYS A 160 -16.12 -1.24 -26.52
N ALA A 161 -16.18 -2.35 -25.79
CA ALA A 161 -14.99 -2.91 -25.17
C ALA A 161 -13.75 -3.09 -26.05
N PRO A 162 -13.89 -3.70 -27.23
CA PRO A 162 -12.70 -3.87 -28.06
C PRO A 162 -12.01 -2.56 -28.40
N ALA A 163 -12.78 -1.56 -28.80
CA ALA A 163 -12.22 -0.27 -29.13
C ALA A 163 -11.60 0.41 -27.89
N GLU A 164 -12.28 0.30 -26.75
CA GLU A 164 -11.75 0.91 -25.53
C GLU A 164 -10.45 0.25 -25.09
N ILE A 165 -10.38 -1.08 -25.19
CA ILE A 165 -9.15 -1.78 -24.82
C ILE A 165 -8.00 -1.30 -25.74
N ALA A 166 -8.24 -1.28 -27.04
CA ALA A 166 -7.21 -0.84 -27.98
C ALA A 166 -6.76 0.58 -27.68
N ARG A 167 -7.71 1.46 -27.39
CA ARG A 167 -7.38 2.85 -27.09
C ARG A 167 -6.54 2.96 -25.81
N VAL A 168 -6.95 2.25 -24.78
CA VAL A 168 -6.23 2.33 -23.52
C VAL A 168 -4.85 1.69 -23.60
N LEU A 169 -4.78 0.49 -24.17
CA LEU A 169 -3.48 -0.18 -24.30
C LEU A 169 -2.58 0.61 -25.25
N GLY A 170 -3.21 1.26 -26.25
CA GLY A 170 -2.45 2.03 -27.20
C GLY A 170 -1.79 3.23 -26.53
N ALA A 171 -2.53 3.83 -25.60
CA ALA A 171 -2.05 5.01 -24.86
C ALA A 171 -0.88 4.58 -23.96
N ALA A 172 -1.00 3.42 -23.32
CA ALA A 172 0.07 2.94 -22.45
C ALA A 172 1.36 2.77 -23.24
N ARG A 173 1.26 2.19 -24.43
CA ARG A 173 2.45 1.97 -25.25
C ARG A 173 3.03 3.26 -25.82
N ALA A 174 2.17 4.16 -26.28
CA ALA A 174 2.64 5.41 -26.86
C ALA A 174 3.27 6.36 -25.82
N GLN A 175 2.62 6.45 -24.67
CA GLN A 175 3.10 7.34 -23.62
C GLN A 175 3.98 6.67 -22.59
N SER A 176 4.05 5.35 -22.65
CA SER A 176 4.84 4.53 -21.72
C SER A 176 4.53 4.92 -20.26
N ARG A 177 3.26 4.90 -19.90
CA ARG A 177 2.82 5.19 -18.55
C ARG A 177 1.66 4.25 -18.25
N PRO A 178 1.33 4.06 -16.97
CA PRO A 178 0.23 3.17 -16.57
C PRO A 178 -1.15 3.57 -17.10
N VAL A 179 -2.00 2.57 -17.25
CA VAL A 179 -3.37 2.76 -17.68
C VAL A 179 -4.23 1.93 -16.75
N TYR A 180 -5.52 2.25 -16.72
CA TYR A 180 -6.46 1.60 -15.83
C TYR A 180 -7.66 1.00 -16.55
N LEU A 181 -7.97 -0.26 -16.25
CA LEU A 181 -9.11 -0.95 -16.83
C LEU A 181 -9.93 -1.52 -15.70
N GLU A 182 -11.18 -1.07 -15.60
CA GLU A 182 -12.06 -1.55 -14.56
C GLU A 182 -13.06 -2.52 -15.22
N ILE A 183 -13.12 -3.74 -14.70
CA ILE A 183 -14.01 -4.75 -15.29
C ILE A 183 -15.13 -5.24 -14.35
N PRO A 184 -16.37 -4.76 -14.58
CA PRO A 184 -17.50 -5.20 -13.75
C PRO A 184 -17.48 -6.74 -13.87
N ARG A 185 -17.67 -7.45 -12.77
CA ARG A 185 -17.54 -8.90 -12.87
C ARG A 185 -18.52 -9.61 -13.79
N ASN A 186 -19.69 -9.04 -14.01
CA ASN A 186 -20.65 -9.68 -14.91
C ASN A 186 -20.28 -9.48 -16.38
N MET A 187 -19.18 -8.76 -16.65
CA MET A 187 -18.73 -8.49 -18.03
C MET A 187 -17.55 -9.39 -18.42
N VAL A 188 -16.95 -10.04 -17.44
CA VAL A 188 -15.82 -10.92 -17.68
C VAL A 188 -16.06 -11.91 -18.82
N ASN A 189 -17.22 -12.55 -18.81
CA ASN A 189 -17.52 -13.52 -19.86
C ASN A 189 -18.47 -13.01 -20.94
N ALA A 190 -18.68 -11.70 -21.00
CA ALA A 190 -19.53 -11.15 -22.04
C ALA A 190 -18.85 -11.33 -23.38
N GLU A 191 -19.66 -11.60 -24.39
CA GLU A 191 -19.16 -11.81 -25.72
C GLU A 191 -18.76 -10.50 -26.39
N VAL A 192 -17.57 -10.48 -26.96
CA VAL A 192 -17.08 -9.30 -27.67
C VAL A 192 -16.31 -9.71 -28.91
N GLU A 193 -16.03 -8.72 -29.75
CA GLU A 193 -15.24 -8.94 -30.93
C GLU A 193 -13.78 -8.83 -30.52
N PRO A 194 -12.88 -9.45 -31.30
CA PRO A 194 -11.45 -9.38 -30.97
C PRO A 194 -10.99 -7.92 -30.95
N VAL A 195 -10.00 -7.64 -30.12
CA VAL A 195 -9.45 -6.31 -30.00
C VAL A 195 -8.56 -6.01 -31.20
N GLY A 196 -8.80 -4.88 -31.85
CA GLY A 196 -7.99 -4.51 -32.99
C GLY A 196 -6.69 -3.81 -32.63
N ASP A 197 -6.14 -3.07 -33.59
CA ASP A 197 -4.88 -2.39 -33.37
C ASP A 197 -5.00 -1.10 -32.58
N ASP A 198 -3.88 -0.66 -32.01
CA ASP A 198 -3.81 0.58 -31.27
C ASP A 198 -4.13 1.70 -32.23
N PRO A 199 -4.83 2.73 -31.75
CA PRO A 199 -5.14 3.86 -32.63
C PRO A 199 -3.79 4.47 -32.99
N ALA A 200 -3.68 5.01 -34.19
CA ALA A 200 -2.43 5.61 -34.62
C ALA A 200 -2.27 7.03 -34.09
N TRP A 201 -1.04 7.39 -33.76
CA TRP A 201 -0.73 8.74 -33.27
C TRP A 201 0.09 9.40 -34.37
N PRO A 202 -0.54 10.29 -35.15
CA PRO A 202 0.12 11.00 -36.26
C PRO A 202 1.46 11.69 -35.94
N VAL A 203 2.34 11.66 -36.93
CA VAL A 203 3.65 12.28 -36.82
C VAL A 203 3.88 13.12 -38.08
N ASP A 204 4.15 14.41 -37.92
CA ASP A 204 4.40 15.25 -39.08
C ASP A 204 5.84 14.98 -39.53
N ARG A 205 5.98 14.38 -40.71
CA ARG A 205 7.29 14.05 -41.26
C ARG A 205 8.16 15.30 -41.50
N ASP A 206 7.54 16.40 -41.94
CA ASP A 206 8.27 17.63 -42.18
C ASP A 206 8.81 18.20 -40.87
N ALA A 207 8.03 18.09 -39.80
CA ALA A 207 8.46 18.59 -38.49
C ALA A 207 9.60 17.72 -37.93
N LEU A 208 9.48 16.41 -38.12
CA LEU A 208 10.51 15.49 -37.64
C LEU A 208 11.81 15.78 -38.40
N ALA A 209 11.70 16.00 -39.71
CA ALA A 209 12.88 16.31 -40.52
C ALA A 209 13.53 17.60 -40.05
N ALA A 210 12.73 18.64 -39.81
CA ALA A 210 13.29 19.92 -39.35
C ALA A 210 13.96 19.76 -37.98
N CYS A 211 13.28 19.06 -37.09
CA CYS A 211 13.80 18.85 -35.73
C CYS A 211 15.15 18.14 -35.80
N ALA A 212 15.20 17.01 -36.50
CA ALA A 212 16.44 16.24 -36.63
C ALA A 212 17.56 17.08 -37.24
N ASP A 213 17.25 17.85 -38.28
CA ASP A 213 18.27 18.70 -38.89
C ASP A 213 18.84 19.69 -37.87
N GLU A 214 17.97 20.35 -37.10
CA GLU A 214 18.44 21.32 -36.10
C GLU A 214 19.27 20.65 -34.99
N VAL A 215 18.80 19.50 -34.50
CA VAL A 215 19.52 18.77 -33.46
C VAL A 215 20.91 18.38 -33.95
N LEU A 216 20.97 17.76 -35.12
CA LEU A 216 22.24 17.34 -35.68
C LEU A 216 23.19 18.53 -35.84
N ALA A 217 22.69 19.66 -36.33
CA ALA A 217 23.54 20.84 -36.49
C ALA A 217 24.07 21.33 -35.14
N ALA A 218 23.23 21.30 -34.12
CA ALA A 218 23.64 21.75 -32.78
C ALA A 218 24.70 20.83 -32.19
N MET A 219 24.54 19.53 -32.36
CA MET A 219 25.52 18.59 -31.81
C MET A 219 26.83 18.73 -32.57
N ARG A 220 26.72 18.99 -33.87
CA ARG A 220 27.89 19.14 -34.72
C ARG A 220 28.64 20.44 -34.49
N SER A 221 27.94 21.48 -34.04
CA SER A 221 28.62 22.75 -33.81
C SER A 221 29.21 22.87 -32.40
N ALA A 222 28.81 21.97 -31.51
CA ALA A 222 29.32 21.97 -30.15
C ALA A 222 30.77 21.51 -30.11
N THR A 223 31.56 22.10 -29.21
CA THR A 223 32.96 21.71 -29.07
C THR A 223 33.06 20.45 -28.19
N SER A 224 32.25 20.40 -27.14
CA SER A 224 32.24 19.27 -26.20
C SER A 224 30.81 18.74 -26.00
N PRO A 225 30.25 18.07 -27.03
CA PRO A 225 28.91 17.51 -26.98
C PRO A 225 28.84 16.26 -26.12
N VAL A 226 27.70 16.06 -25.46
CA VAL A 226 27.50 14.91 -24.60
C VAL A 226 26.10 14.35 -24.82
N LEU A 227 25.99 13.03 -24.92
CA LEU A 227 24.69 12.39 -25.08
C LEU A 227 24.33 11.79 -23.74
N MET A 228 23.29 12.32 -23.11
CA MET A 228 22.87 11.83 -21.79
C MET A 228 21.58 11.04 -21.96
N VAL A 229 21.65 9.73 -21.68
CA VAL A 229 20.51 8.86 -21.83
C VAL A 229 19.74 8.64 -20.55
N CYS A 230 18.43 8.51 -20.69
CA CYS A 230 17.56 8.29 -19.56
C CYS A 230 16.49 7.27 -19.95
N VAL A 231 15.52 7.07 -19.07
CA VAL A 231 14.50 6.03 -19.24
C VAL A 231 13.83 5.77 -20.57
N GLU A 232 13.37 6.80 -21.26
CA GLU A 232 12.70 6.56 -22.54
C GLU A 232 13.54 5.78 -23.54
N VAL A 233 14.87 5.85 -23.41
CA VAL A 233 15.73 5.11 -24.33
C VAL A 233 15.42 3.62 -24.22
N ARG A 234 15.16 3.11 -23.02
CA ARG A 234 14.82 1.69 -22.96
C ARG A 234 13.32 1.48 -23.10
N ARG A 235 12.52 2.43 -22.61
CA ARG A 235 11.07 2.27 -22.71
C ARG A 235 10.62 2.04 -24.14
N TYR A 236 11.30 2.69 -25.08
CA TYR A 236 10.89 2.53 -26.47
C TYR A 236 11.84 1.61 -27.26
N GLY A 237 12.65 0.84 -26.53
CA GLY A 237 13.56 -0.12 -27.13
C GLY A 237 14.63 0.44 -28.06
N LEU A 238 15.18 1.58 -27.68
CA LEU A 238 16.17 2.26 -28.52
C LEU A 238 17.63 2.17 -28.08
N GLU A 239 17.94 1.35 -27.08
CA GLU A 239 19.31 1.27 -26.61
C GLU A 239 20.35 0.95 -27.68
N ALA A 240 20.07 -0.03 -28.53
CA ALA A 240 21.01 -0.40 -29.58
C ALA A 240 21.18 0.74 -30.59
N LYS A 241 20.07 1.33 -31.03
CA LYS A 241 20.13 2.42 -31.99
C LYS A 241 20.83 3.65 -31.41
N VAL A 242 20.63 3.89 -30.12
CA VAL A 242 21.25 5.04 -29.47
C VAL A 242 22.75 4.79 -29.28
N ALA A 243 23.13 3.54 -29.06
CA ALA A 243 24.56 3.25 -28.94
C ALA A 243 25.18 3.54 -30.31
N GLU A 244 24.46 3.18 -31.37
CA GLU A 244 24.93 3.42 -32.74
C GLU A 244 24.98 4.92 -33.06
N LEU A 245 23.99 5.66 -32.58
CA LEU A 245 23.94 7.10 -32.79
C LEU A 245 25.16 7.80 -32.19
N ALA A 246 25.50 7.45 -30.96
CA ALA A 246 26.65 8.03 -30.29
C ALA A 246 27.93 7.71 -31.05
N GLN A 247 27.99 6.47 -31.54
CA GLN A 247 29.15 6.00 -32.29
C GLN A 247 29.30 6.85 -33.55
N ARG A 248 28.19 7.06 -34.26
CA ARG A 248 28.21 7.83 -35.49
C ARG A 248 28.50 9.31 -35.25
N LEU A 249 28.03 9.86 -34.13
CA LEU A 249 28.28 11.27 -33.83
C LEU A 249 29.68 11.44 -33.25
N GLY A 250 30.24 10.36 -32.72
CA GLY A 250 31.56 10.44 -32.12
C GLY A 250 31.48 11.21 -30.80
N VAL A 251 30.39 11.01 -30.07
CA VAL A 251 30.19 11.70 -28.80
C VAL A 251 30.09 10.72 -27.64
N PRO A 252 30.58 11.13 -26.45
CA PRO A 252 30.51 10.23 -25.28
C PRO A 252 29.07 10.16 -24.74
N VAL A 253 28.76 9.02 -24.14
CA VAL A 253 27.45 8.80 -23.56
C VAL A 253 27.56 8.70 -22.05
N VAL A 254 26.67 9.40 -21.35
CA VAL A 254 26.62 9.30 -19.89
C VAL A 254 25.14 9.10 -19.57
N THR A 255 24.85 8.33 -18.52
CA THR A 255 23.45 8.15 -18.16
C THR A 255 23.08 9.12 -17.04
N THR A 256 21.78 9.38 -16.90
CA THR A 256 21.31 10.19 -15.78
C THR A 256 21.33 9.20 -14.60
N PHE A 257 21.07 9.71 -13.40
CA PHE A 257 21.01 8.87 -12.22
C PHE A 257 19.90 7.82 -12.41
N MET A 258 18.73 8.29 -12.84
CA MET A 258 17.60 7.39 -13.07
C MET A 258 17.96 6.39 -14.17
N GLY A 259 18.74 6.87 -15.15
CA GLY A 259 19.13 6.06 -16.29
C GLY A 259 20.22 5.03 -16.08
N ARG A 260 20.68 4.90 -14.83
CA ARG A 260 21.72 3.91 -14.54
C ARG A 260 21.23 2.55 -15.03
N GLY A 261 22.10 1.82 -15.73
CA GLY A 261 21.70 0.50 -16.23
C GLY A 261 21.46 0.49 -17.73
N LEU A 262 21.35 1.67 -18.33
CA LEU A 262 21.12 1.77 -19.77
C LEU A 262 22.38 1.46 -20.58
N LEU A 263 22.18 0.95 -21.79
CA LEU A 263 23.27 0.60 -22.70
C LEU A 263 24.27 -0.37 -22.10
N ALA A 264 23.79 -1.25 -21.21
CA ALA A 264 24.68 -2.22 -20.56
C ALA A 264 25.30 -3.19 -21.58
N ASP A 265 24.63 -3.40 -22.71
CA ASP A 265 25.12 -4.31 -23.74
C ASP A 265 25.79 -3.65 -24.95
N ALA A 266 25.95 -2.33 -24.91
CA ALA A 266 26.58 -1.63 -26.02
C ALA A 266 28.09 -1.92 -26.12
N PRO A 267 28.61 -2.12 -27.33
CA PRO A 267 30.04 -2.39 -27.53
C PRO A 267 30.86 -1.39 -26.72
N THR A 268 30.46 -0.12 -26.80
CA THR A 268 31.13 0.92 -26.05
C THR A 268 30.15 1.39 -24.98
N PRO A 269 30.37 0.98 -23.73
CA PRO A 269 29.47 1.38 -22.66
C PRO A 269 29.53 2.87 -22.40
N PRO A 270 28.52 3.40 -21.71
CA PRO A 270 28.52 4.83 -21.41
C PRO A 270 29.77 5.07 -20.56
N LEU A 271 30.23 6.32 -20.52
CA LEU A 271 31.41 6.67 -19.73
C LEU A 271 31.12 6.54 -18.25
N GLY A 272 29.85 6.70 -17.89
CA GLY A 272 29.45 6.62 -16.51
C GLY A 272 28.07 7.23 -16.27
N THR A 273 27.74 7.49 -15.02
CA THR A 273 26.47 8.04 -14.62
C THR A 273 26.64 9.41 -13.97
N TYR A 274 25.91 10.40 -14.47
CA TYR A 274 25.99 11.74 -13.92
C TYR A 274 25.25 11.90 -12.61
N ILE A 275 25.95 12.27 -11.55
CA ILE A 275 25.31 12.50 -10.27
C ILE A 275 25.80 13.78 -9.62
N GLY A 276 26.20 14.74 -10.45
CA GLY A 276 26.67 16.02 -9.92
C GLY A 276 27.79 15.91 -8.91
N VAL A 277 27.65 16.63 -7.81
CA VAL A 277 28.68 16.63 -6.77
C VAL A 277 28.88 15.26 -6.12
N ALA A 278 27.92 14.37 -6.30
CA ALA A 278 28.00 13.03 -5.71
C ALA A 278 28.61 11.98 -6.64
N GLY A 279 28.77 12.32 -7.90
CA GLY A 279 29.33 11.37 -8.85
C GLY A 279 30.80 11.63 -9.14
N ASP A 280 31.33 10.93 -10.14
CA ASP A 280 32.72 11.09 -10.54
C ASP A 280 32.97 12.52 -11.03
N ALA A 281 34.03 13.15 -10.51
CA ALA A 281 34.37 14.52 -10.88
C ALA A 281 34.55 14.79 -12.36
N GLU A 282 35.15 13.85 -13.08
CA GLU A 282 35.38 14.01 -14.50
C GLU A 282 34.08 13.95 -15.30
N ILE A 283 33.20 13.02 -14.95
CA ILE A 283 31.93 12.91 -15.63
C ILE A 283 31.10 14.15 -15.31
N THR A 284 31.17 14.59 -14.06
CA THR A 284 30.43 15.78 -13.68
C THR A 284 30.95 16.97 -14.47
N ARG A 285 32.27 17.05 -14.65
CA ARG A 285 32.85 18.18 -15.39
C ARG A 285 32.45 18.17 -16.86
N LEU A 286 32.53 16.99 -17.47
CA LEU A 286 32.18 16.82 -18.87
C LEU A 286 30.74 17.24 -19.14
N VAL A 287 29.85 16.81 -18.25
CA VAL A 287 28.44 17.12 -18.37
C VAL A 287 28.10 18.59 -18.19
N GLU A 288 28.53 19.16 -17.07
CA GLU A 288 28.21 20.54 -16.77
C GLU A 288 28.92 21.57 -17.61
N GLU A 289 30.05 21.20 -18.23
CA GLU A 289 30.74 22.16 -19.07
C GLU A 289 30.41 21.92 -20.55
N SER A 290 29.55 20.95 -20.82
CA SER A 290 29.18 20.65 -22.21
C SER A 290 28.39 21.77 -22.86
N ASP A 291 28.70 22.04 -24.13
CA ASP A 291 27.99 23.06 -24.90
C ASP A 291 27.08 22.38 -25.92
N GLY A 292 26.93 21.06 -25.75
CA GLY A 292 26.08 20.27 -26.64
C GLY A 292 25.50 19.11 -25.84
N LEU A 293 24.80 19.45 -24.76
CA LEU A 293 24.22 18.43 -23.89
C LEU A 293 22.85 18.00 -24.39
N PHE A 294 22.82 16.79 -24.95
CA PHE A 294 21.61 16.20 -25.51
C PHE A 294 20.97 15.27 -24.47
N LEU A 295 19.91 15.75 -23.81
CA LEU A 295 19.21 14.94 -22.81
C LEU A 295 18.21 14.06 -23.55
N LEU A 296 18.64 12.84 -23.85
CA LEU A 296 17.82 11.89 -24.61
C LEU A 296 16.86 11.04 -23.78
N GLY A 297 15.57 11.39 -23.83
CA GLY A 297 14.54 10.66 -23.09
C GLY A 297 14.60 10.83 -21.59
N ALA A 298 15.09 11.98 -21.14
CA ALA A 298 15.27 12.26 -19.72
C ALA A 298 14.18 12.88 -18.87
N ILE A 299 14.07 12.38 -17.64
CA ILE A 299 13.15 12.91 -16.64
C ILE A 299 13.91 14.09 -16.02
N LEU A 300 13.33 15.29 -16.05
CA LEU A 300 14.01 16.46 -15.48
C LEU A 300 13.72 16.54 -13.98
N SER A 301 14.26 15.58 -13.24
CA SER A 301 14.01 15.50 -11.81
C SER A 301 15.14 16.06 -10.96
N ASP A 302 14.82 16.38 -9.70
CA ASP A 302 15.83 16.87 -8.78
C ASP A 302 16.85 15.76 -8.57
N THR A 303 16.41 14.50 -8.64
CA THR A 303 17.33 13.38 -8.46
C THR A 303 18.35 13.29 -9.59
N ASN A 304 17.98 13.76 -10.78
CA ASN A 304 18.91 13.71 -11.91
C ASN A 304 19.73 15.01 -12.06
N PHE A 305 19.20 16.15 -11.64
CA PHE A 305 19.86 17.42 -11.86
C PHE A 305 20.03 18.42 -10.71
N ALA A 306 19.37 18.21 -9.59
CA ALA A 306 19.50 19.16 -8.49
C ALA A 306 20.85 18.99 -7.80
N VAL A 307 21.51 17.88 -8.08
CA VAL A 307 22.80 17.61 -7.46
C VAL A 307 23.98 18.21 -8.24
N SER A 308 23.68 19.08 -9.20
CA SER A 308 24.73 19.71 -10.00
C SER A 308 25.63 20.61 -9.18
N GLN A 309 26.92 20.58 -9.49
CA GLN A 309 27.90 21.43 -8.79
C GLN A 309 27.70 22.82 -9.38
N ARG A 310 27.82 22.89 -10.70
CA ARG A 310 27.64 24.14 -11.43
C ARG A 310 26.18 24.11 -11.88
N LYS A 311 25.47 25.21 -11.70
CA LYS A 311 24.07 25.28 -12.12
C LYS A 311 23.95 24.94 -13.61
N ILE A 312 23.08 23.99 -13.96
CA ILE A 312 22.89 23.61 -15.35
C ILE A 312 21.70 24.32 -15.98
N ASP A 313 21.97 25.14 -16.98
CA ASP A 313 20.92 25.88 -17.67
C ASP A 313 20.20 24.91 -18.60
N LEU A 314 19.10 24.34 -18.11
CA LEU A 314 18.32 23.39 -18.88
C LEU A 314 17.87 23.95 -20.21
N ARG A 315 17.71 25.27 -20.28
CA ARG A 315 17.28 25.92 -21.51
C ARG A 315 18.35 25.87 -22.60
N LYS A 316 19.58 25.54 -22.24
CA LYS A 316 20.64 25.46 -23.23
C LYS A 316 20.93 24.03 -23.66
N THR A 317 20.12 23.11 -23.19
CA THR A 317 20.31 21.70 -23.56
C THR A 317 19.34 21.38 -24.68
N ILE A 318 19.47 20.16 -25.20
CA ILE A 318 18.55 19.65 -26.20
C ILE A 318 17.83 18.58 -25.37
N HIS A 319 16.52 18.67 -25.28
CA HIS A 319 15.74 17.73 -24.47
C HIS A 319 14.62 17.05 -25.24
N ALA A 320 14.74 15.74 -25.42
CA ALA A 320 13.71 14.96 -26.11
C ALA A 320 13.03 14.12 -25.04
N PHE A 321 11.72 14.31 -24.86
CA PHE A 321 10.98 13.58 -23.82
C PHE A 321 9.48 13.81 -23.99
N ASP A 322 8.67 12.84 -23.57
CA ASP A 322 7.21 12.97 -23.68
C ASP A 322 6.73 13.34 -25.09
N ARG A 323 7.32 12.73 -26.11
CA ARG A 323 6.94 12.97 -27.51
C ARG A 323 7.14 14.42 -27.98
N ALA A 324 8.16 15.07 -27.47
CA ALA A 324 8.45 16.44 -27.88
C ALA A 324 9.95 16.65 -27.82
N VAL A 325 10.44 17.70 -28.49
CA VAL A 325 11.85 17.99 -28.46
C VAL A 325 12.01 19.49 -28.27
N THR A 326 12.81 19.86 -27.30
CA THR A 326 13.02 21.26 -26.99
C THR A 326 14.49 21.63 -27.07
N LEU A 327 14.78 22.71 -27.79
CA LEU A 327 16.13 23.22 -27.91
C LEU A 327 16.04 24.61 -28.51
N GLY A 328 17.05 25.44 -28.25
CA GLY A 328 17.07 26.78 -28.80
C GLY A 328 15.87 27.59 -28.36
N TYR A 329 15.38 27.31 -27.16
CA TYR A 329 14.24 28.02 -26.58
C TYR A 329 12.90 27.75 -27.27
N HIS A 330 12.82 26.69 -28.08
CA HIS A 330 11.57 26.37 -28.75
C HIS A 330 11.28 24.88 -28.68
N THR A 331 10.03 24.54 -28.91
CA THR A 331 9.61 23.15 -28.84
C THR A 331 8.94 22.61 -30.10
N TYR A 332 9.34 21.40 -30.48
CA TYR A 332 8.76 20.66 -31.59
C TYR A 332 7.81 19.68 -30.90
N ALA A 333 6.51 19.82 -31.14
CA ALA A 333 5.53 18.93 -30.54
C ALA A 333 5.37 17.67 -31.39
N ASP A 334 4.80 16.63 -30.78
CA ASP A 334 4.55 15.35 -31.42
C ASP A 334 5.71 14.74 -32.19
N ILE A 335 6.85 14.65 -31.51
CA ILE A 335 8.05 14.05 -32.09
C ILE A 335 8.37 12.81 -31.23
N PRO A 336 8.05 11.61 -31.73
CA PRO A 336 8.37 10.41 -30.94
C PRO A 336 9.88 10.21 -30.85
N LEU A 337 10.35 9.74 -29.70
CA LEU A 337 11.78 9.55 -29.50
C LEU A 337 12.36 8.60 -30.56
N ALA A 338 11.67 7.51 -30.83
CA ALA A 338 12.13 6.54 -31.82
C ALA A 338 12.24 7.21 -33.20
N GLY A 339 11.23 8.01 -33.54
CA GLY A 339 11.24 8.73 -34.80
C GLY A 339 12.43 9.65 -34.91
N LEU A 340 12.75 10.35 -33.82
CA LEU A 340 13.89 11.24 -33.83
C LEU A 340 15.20 10.46 -33.97
N VAL A 341 15.34 9.38 -33.20
CA VAL A 341 16.56 8.60 -33.28
C VAL A 341 16.78 8.05 -34.69
N ASP A 342 15.73 7.48 -35.29
CA ASP A 342 15.84 6.95 -36.64
C ASP A 342 16.21 8.08 -37.61
N ALA A 343 15.57 9.24 -37.46
CA ALA A 343 15.82 10.39 -38.33
C ALA A 343 17.25 10.87 -38.25
N LEU A 344 17.84 10.83 -37.06
CA LEU A 344 19.21 11.26 -36.90
C LEU A 344 20.17 10.27 -37.54
N LEU A 345 19.91 8.97 -37.33
CA LEU A 345 20.76 7.92 -37.89
C LEU A 345 20.74 7.99 -39.43
N GLU A 346 19.60 8.33 -39.99
CA GLU A 346 19.44 8.46 -41.42
C GLU A 346 20.29 9.59 -42.00
N ARG A 347 20.64 10.56 -41.16
CA ARG A 347 21.44 11.71 -41.59
C ARG A 347 22.91 11.55 -41.22
N LEU A 348 23.26 10.41 -40.63
CA LEU A 348 24.62 10.16 -40.22
C LEU A 348 25.24 8.95 -40.89
N PRO A 349 26.42 9.12 -41.52
CA PRO A 349 27.03 7.96 -42.16
C PRO A 349 27.61 7.06 -41.06
N PRO A 350 27.80 5.76 -41.37
CA PRO A 350 28.37 4.87 -40.35
C PRO A 350 29.75 5.34 -39.93
N SER A 351 30.07 5.20 -38.65
CA SER A 351 31.37 5.63 -38.16
C SER A 351 32.48 4.70 -38.63
N ASP A 352 33.54 5.30 -39.16
CA ASP A 352 34.69 4.55 -39.67
C ASP A 352 35.80 4.49 -38.62
N GLY A 357 38.18 8.49 -27.99
CA GLY A 357 37.35 7.89 -26.97
C GLY A 357 37.85 8.18 -25.57
N LYS A 358 36.98 8.77 -24.74
CA LYS A 358 37.34 9.10 -23.37
C LYS A 358 37.39 7.85 -22.49
N GLU A 359 38.24 7.89 -21.47
CA GLU A 359 38.40 6.77 -20.54
C GLU A 359 37.20 6.72 -19.58
N PRO A 360 36.54 5.55 -19.48
CA PRO A 360 35.38 5.33 -18.62
C PRO A 360 35.68 5.39 -17.12
N HIS A 361 34.67 5.73 -16.33
CA HIS A 361 34.82 5.78 -14.88
C HIS A 361 35.08 4.34 -14.41
N ALA A 362 36.18 4.14 -13.70
CA ALA A 362 36.56 2.82 -13.21
C ALA A 362 35.63 2.29 -12.11
N TYR A 363 35.42 0.97 -12.12
CA TYR A 363 34.58 0.31 -11.12
C TYR A 363 35.42 -0.09 -9.92
N PRO A 364 34.87 0.06 -8.70
CA PRO A 364 35.58 -0.30 -7.47
C PRO A 364 35.83 -1.80 -7.47
N THR A 365 37.06 -2.20 -7.21
CA THR A 365 37.40 -3.61 -7.19
C THR A 365 38.41 -3.92 -6.10
N GLY A 366 38.82 -5.18 -6.01
CA GLY A 366 39.80 -5.60 -5.03
C GLY A 366 39.28 -5.67 -3.61
N LEU A 367 38.25 -6.49 -3.38
CA LEU A 367 37.72 -6.62 -2.02
C LEU A 367 38.78 -7.33 -1.18
N GLN A 368 38.99 -6.85 0.03
CA GLN A 368 39.94 -7.50 0.95
C GLN A 368 39.10 -8.41 1.84
N ALA A 369 39.04 -9.69 1.48
CA ALA A 369 38.24 -10.66 2.23
C ALA A 369 38.90 -11.11 3.53
N ASP A 370 38.91 -10.22 4.51
CA ASP A 370 39.52 -10.47 5.82
C ASP A 370 38.49 -10.44 6.95
N GLY A 371 38.96 -10.22 8.18
CA GLY A 371 38.09 -10.17 9.34
C GLY A 371 37.59 -8.78 9.69
N GLU A 372 37.79 -7.82 8.79
CA GLU A 372 37.33 -6.45 8.99
C GLU A 372 35.82 -6.35 8.75
N PRO A 373 35.18 -5.29 9.26
CA PRO A 373 33.73 -5.06 9.11
C PRO A 373 33.36 -4.71 7.68
N ILE A 374 32.07 -4.84 7.38
CA ILE A 374 31.55 -4.56 6.04
C ILE A 374 31.09 -3.11 5.85
N ALA A 375 31.47 -2.54 4.71
CA ALA A 375 31.08 -1.19 4.34
C ALA A 375 30.38 -1.34 2.98
N PRO A 376 29.50 -0.40 2.63
CA PRO A 376 28.80 -0.51 1.34
C PRO A 376 29.73 -0.75 0.14
N MET A 377 30.83 0.00 0.06
CA MET A 377 31.76 -0.17 -1.04
C MET A 377 32.34 -1.56 -1.09
N ASP A 378 32.39 -2.24 0.05
CA ASP A 378 32.91 -3.59 0.06
C ASP A 378 31.95 -4.48 -0.70
N ILE A 379 30.65 -4.20 -0.57
CA ILE A 379 29.64 -4.98 -1.28
C ILE A 379 29.83 -4.77 -2.78
N ALA A 380 30.06 -3.52 -3.19
CA ALA A 380 30.29 -3.22 -4.59
C ALA A 380 31.54 -3.94 -5.09
N ARG A 381 32.59 -3.95 -4.27
CA ARG A 381 33.82 -4.64 -4.67
C ARG A 381 33.61 -6.13 -4.77
N ALA A 382 32.86 -6.71 -3.84
CA ALA A 382 32.64 -8.15 -3.85
C ALA A 382 31.92 -8.57 -5.12
N VAL A 383 30.87 -7.85 -5.48
CA VAL A 383 30.10 -8.14 -6.68
C VAL A 383 30.95 -7.96 -7.94
N ASN A 384 31.65 -6.83 -8.02
CA ASN A 384 32.48 -6.54 -9.18
C ASN A 384 33.62 -7.53 -9.36
N ASP A 385 34.17 -8.01 -8.25
CA ASP A 385 35.27 -8.97 -8.31
C ASP A 385 34.85 -10.28 -8.94
N ARG A 386 33.66 -10.78 -8.60
CA ARG A 386 33.20 -12.03 -9.21
C ARG A 386 33.01 -11.87 -10.72
N VAL A 387 32.49 -10.72 -11.15
CA VAL A 387 32.28 -10.47 -12.57
C VAL A 387 33.64 -10.45 -13.28
N ARG A 388 34.57 -9.67 -12.72
CA ARG A 388 35.91 -9.57 -13.30
C ARG A 388 36.57 -10.93 -13.35
N ALA A 389 36.21 -11.80 -12.41
CA ALA A 389 36.76 -13.15 -12.36
C ALA A 389 36.11 -14.12 -13.34
N GLY A 390 35.08 -13.67 -14.06
CA GLY A 390 34.45 -14.57 -15.02
C GLY A 390 32.94 -14.68 -14.98
N GLN A 391 32.32 -14.15 -13.92
CA GLN A 391 30.88 -14.23 -13.81
C GLN A 391 30.16 -13.19 -14.68
N GLU A 392 29.27 -13.66 -15.54
CA GLU A 392 28.50 -12.76 -16.39
C GLU A 392 27.68 -11.92 -15.41
N PRO A 393 27.73 -10.58 -15.53
CA PRO A 393 26.94 -9.78 -14.58
C PRO A 393 25.44 -10.10 -14.58
N LEU A 394 24.78 -9.82 -13.45
CA LEU A 394 23.35 -10.06 -13.34
C LEU A 394 22.63 -8.73 -13.40
N LEU A 395 21.38 -8.76 -13.85
CA LEU A 395 20.58 -7.55 -13.88
C LEU A 395 20.37 -7.23 -12.40
N ILE A 396 20.44 -5.94 -12.04
CA ILE A 396 20.26 -5.54 -10.65
C ILE A 396 18.92 -4.83 -10.38
N ALA A 397 18.26 -5.26 -9.33
CA ALA A 397 17.01 -4.63 -8.90
C ALA A 397 17.36 -3.98 -7.58
N ALA A 398 17.19 -2.66 -7.50
CA ALA A 398 17.52 -1.94 -6.27
C ALA A 398 16.35 -1.19 -5.68
N ASP A 399 16.29 -1.17 -4.35
CA ASP A 399 15.26 -0.42 -3.68
C ASP A 399 15.86 0.97 -3.49
N MET A 400 15.13 1.86 -2.83
CA MET A 400 15.64 3.20 -2.56
C MET A 400 16.33 3.09 -1.20
N GLY A 401 17.52 3.69 -1.10
CA GLY A 401 18.29 3.66 0.13
C GLY A 401 19.75 3.71 -0.27
N ASP A 402 20.67 3.47 0.66
CA ASP A 402 22.07 3.50 0.26
C ASP A 402 22.37 2.32 -0.66
N CYS A 403 21.46 1.34 -0.70
CA CYS A 403 21.65 0.20 -1.58
C CYS A 403 21.71 0.69 -3.02
N LEU A 404 20.92 1.71 -3.34
CA LEU A 404 20.89 2.23 -4.71
C LEU A 404 22.13 3.06 -5.04
N PHE A 405 22.55 3.87 -4.08
CA PHE A 405 23.73 4.69 -4.27
C PHE A 405 24.96 3.82 -4.37
N THR A 406 24.89 2.63 -3.78
CA THR A 406 25.98 1.68 -3.84
C THR A 406 25.94 0.98 -5.19
N ALA A 407 24.73 0.61 -5.64
CA ALA A 407 24.56 -0.08 -6.91
C ALA A 407 25.15 0.75 -8.06
N MET A 408 25.22 2.07 -7.87
CA MET A 408 25.77 2.97 -8.88
C MET A 408 27.23 2.63 -9.20
N ASP A 409 27.88 1.88 -8.31
CA ASP A 409 29.27 1.48 -8.53
C ASP A 409 29.38 -0.01 -8.83
N MET A 410 28.27 -0.64 -9.19
CA MET A 410 28.30 -2.06 -9.49
C MET A 410 28.18 -2.34 -10.97
N ILE A 411 28.87 -3.40 -11.40
CA ILE A 411 28.83 -3.86 -12.78
C ILE A 411 27.50 -4.59 -12.88
N ASP A 412 26.70 -4.26 -13.88
CA ASP A 412 25.38 -4.85 -14.03
C ASP A 412 25.08 -5.27 -15.47
N ALA A 413 23.97 -5.99 -15.64
CA ALA A 413 23.52 -6.37 -16.98
C ALA A 413 22.15 -5.70 -17.00
N GLY A 414 22.17 -4.41 -16.68
CA GLY A 414 20.97 -3.61 -16.61
C GLY A 414 20.65 -3.37 -15.14
N LEU A 415 19.85 -2.35 -14.86
CA LEU A 415 19.48 -2.06 -13.49
C LEU A 415 18.11 -1.42 -13.44
N MET A 416 17.30 -1.81 -12.47
CA MET A 416 16.01 -1.17 -12.32
C MET A 416 15.89 -0.69 -10.89
N ALA A 417 15.49 0.56 -10.74
CA ALA A 417 15.37 1.17 -9.43
C ALA A 417 14.48 2.38 -9.51
N PRO A 418 13.91 2.79 -8.37
CA PRO A 418 13.02 3.95 -8.33
C PRO A 418 13.88 5.21 -8.21
N GLY A 419 14.68 5.48 -9.24
CA GLY A 419 15.58 6.61 -9.22
C GLY A 419 14.98 8.01 -9.33
N TYR A 420 13.66 8.11 -9.41
CA TYR A 420 13.04 9.44 -9.48
C TYR A 420 11.93 9.47 -8.44
N TYR A 421 10.98 8.56 -8.54
CA TYR A 421 9.88 8.50 -7.58
C TYR A 421 10.44 8.25 -6.18
N ALA A 422 11.54 7.52 -6.12
CA ALA A 422 12.23 7.22 -4.87
C ALA A 422 11.39 6.54 -3.79
N GLY A 423 10.40 5.75 -4.22
CA GLY A 423 9.57 5.06 -3.27
C GLY A 423 10.14 3.73 -2.84
N MET A 424 10.29 3.53 -1.53
CA MET A 424 10.82 2.28 -0.99
C MET A 424 9.85 1.11 -1.17
N GLY A 425 10.41 -0.10 -1.21
CA GLY A 425 9.61 -1.30 -1.35
C GLY A 425 9.72 -1.91 -2.74
N PHE A 426 10.23 -1.10 -3.67
CA PHE A 426 10.41 -1.48 -5.07
C PHE A 426 11.31 -2.69 -5.33
N GLY A 427 12.43 -2.71 -4.62
CA GLY A 427 13.45 -3.73 -4.79
C GLY A 427 13.20 -5.22 -4.86
N VAL A 428 12.72 -5.81 -3.77
CA VAL A 428 12.51 -7.25 -3.79
C VAL A 428 11.44 -7.63 -4.81
N PRO A 429 10.29 -6.94 -4.80
CA PRO A 429 9.23 -7.27 -5.76
C PRO A 429 9.67 -7.07 -7.22
N ALA A 430 10.51 -6.06 -7.47
CA ALA A 430 10.98 -5.80 -8.82
C ALA A 430 11.89 -6.95 -9.24
N GLY A 431 12.78 -7.37 -8.35
CA GLY A 431 13.65 -8.49 -8.67
C GLY A 431 12.80 -9.72 -8.94
N ILE A 432 11.76 -9.90 -8.15
CA ILE A 432 10.87 -11.05 -8.33
C ILE A 432 10.17 -10.98 -9.70
N GLY A 433 9.57 -9.83 -10.01
CA GLY A 433 8.89 -9.70 -11.29
C GLY A 433 9.82 -9.94 -12.47
N ALA A 434 11.01 -9.37 -12.39
CA ALA A 434 12.00 -9.52 -13.47
C ALA A 434 12.39 -10.97 -13.64
N GLN A 435 12.71 -11.64 -12.54
CA GLN A 435 13.15 -13.02 -12.67
C GLN A 435 12.01 -13.93 -13.18
N CYS A 436 10.77 -13.55 -12.91
CA CYS A 436 9.64 -14.35 -13.41
C CYS A 436 9.61 -14.38 -14.95
N VAL A 437 10.17 -13.35 -15.59
CA VAL A 437 10.16 -13.31 -17.04
C VAL A 437 11.57 -13.32 -17.64
N SER A 438 12.56 -13.69 -16.84
CA SER A 438 13.97 -13.69 -17.26
C SER A 438 14.48 -14.95 -17.96
N GLY A 439 13.62 -15.96 -18.06
CA GLY A 439 14.01 -17.19 -18.73
C GLY A 439 15.16 -17.96 -18.08
N GLY A 440 15.24 -17.92 -16.76
CA GLY A 440 16.30 -18.65 -16.09
C GLY A 440 17.42 -17.80 -15.55
N LYS A 441 17.56 -16.58 -16.05
CA LYS A 441 18.62 -15.71 -15.54
C LYS A 441 18.29 -15.21 -14.15
N ARG A 442 19.28 -15.27 -13.25
CA ARG A 442 19.09 -14.81 -11.88
C ARG A 442 19.19 -13.31 -11.80
N ILE A 443 18.48 -12.74 -10.84
CA ILE A 443 18.50 -11.31 -10.61
C ILE A 443 19.21 -11.03 -9.30
N LEU A 444 20.00 -9.96 -9.27
CA LEU A 444 20.69 -9.58 -8.03
C LEU A 444 19.90 -8.41 -7.44
N THR A 445 19.41 -8.58 -6.23
CA THR A 445 18.64 -7.55 -5.56
C THR A 445 19.40 -6.98 -4.38
N VAL A 446 19.45 -5.65 -4.31
CA VAL A 446 20.11 -4.96 -3.20
C VAL A 446 18.99 -4.16 -2.54
N VAL A 447 18.92 -4.23 -1.22
CA VAL A 447 17.85 -3.59 -0.46
C VAL A 447 18.31 -3.38 0.99
N GLY A 448 17.82 -2.30 1.61
CA GLY A 448 18.15 -2.00 3.00
C GLY A 448 17.19 -2.65 3.97
N ASP A 449 17.49 -2.58 5.26
CA ASP A 449 16.63 -3.18 6.28
C ASP A 449 15.28 -2.48 6.34
N GLY A 450 15.27 -1.15 6.19
CA GLY A 450 14.02 -0.41 6.21
C GLY A 450 13.10 -0.90 5.10
N ALA A 451 13.60 -0.92 3.86
CA ALA A 451 12.82 -1.37 2.71
C ALA A 451 12.41 -2.85 2.82
N PHE A 452 13.31 -3.70 3.31
CA PHE A 452 12.99 -5.13 3.43
C PHE A 452 11.80 -5.37 4.36
N GLN A 453 11.71 -4.58 5.42
CA GLN A 453 10.61 -4.69 6.37
C GLN A 453 9.29 -4.40 5.68
N MET A 454 9.35 -3.63 4.60
CA MET A 454 8.15 -3.26 3.87
C MET A 454 7.69 -4.34 2.90
N THR A 455 8.58 -4.76 1.99
CA THR A 455 8.22 -5.73 0.97
C THR A 455 9.18 -6.92 0.77
N GLY A 456 10.25 -7.02 1.55
CA GLY A 456 11.18 -8.12 1.37
C GLY A 456 10.54 -9.49 1.59
N TRP A 457 9.46 -9.50 2.36
CA TRP A 457 8.73 -10.72 2.69
C TRP A 457 8.19 -11.42 1.46
N GLU A 458 8.07 -10.69 0.35
CA GLU A 458 7.54 -11.29 -0.86
C GLU A 458 8.43 -12.43 -1.32
N LEU A 459 9.66 -12.49 -0.78
CA LEU A 459 10.55 -13.59 -1.15
C LEU A 459 9.96 -14.94 -0.77
N GLY A 460 8.98 -14.94 0.13
CA GLY A 460 8.35 -16.19 0.52
C GLY A 460 7.57 -16.84 -0.63
N ASN A 461 7.44 -16.11 -1.73
CA ASN A 461 6.72 -16.59 -2.90
C ASN A 461 7.65 -17.20 -3.95
N CYS A 462 8.96 -17.03 -3.77
CA CYS A 462 9.92 -17.53 -4.75
C CYS A 462 9.77 -19.01 -5.11
N ARG A 463 9.57 -19.85 -4.09
CA ARG A 463 9.44 -21.29 -4.32
C ARG A 463 8.28 -21.60 -5.27
N ARG A 464 7.11 -21.03 -5.01
CA ARG A 464 5.95 -21.28 -5.87
C ARG A 464 6.15 -20.66 -7.24
N LEU A 465 6.76 -19.48 -7.29
CA LEU A 465 7.00 -18.82 -8.59
C LEU A 465 8.11 -19.52 -9.36
N GLY A 466 8.94 -20.30 -8.67
CA GLY A 466 10.03 -20.99 -9.33
C GLY A 466 11.24 -20.12 -9.66
N ILE A 467 11.60 -19.23 -8.75
CA ILE A 467 12.74 -18.35 -8.96
C ILE A 467 13.70 -18.39 -7.76
N ASP A 468 14.95 -18.01 -7.99
CA ASP A 468 15.94 -18.03 -6.92
C ASP A 468 16.84 -16.82 -6.92
N PRO A 469 16.26 -15.62 -6.75
CA PRO A 469 17.07 -14.40 -6.74
C PRO A 469 18.10 -14.37 -5.62
N ILE A 470 19.18 -13.64 -5.85
CA ILE A 470 20.21 -13.46 -4.84
C ILE A 470 19.93 -12.08 -4.29
N VAL A 471 19.75 -12.00 -2.99
CA VAL A 471 19.43 -10.74 -2.38
C VAL A 471 20.45 -10.33 -1.33
N ILE A 472 21.02 -9.14 -1.52
CA ILE A 472 21.99 -8.62 -0.56
C ILE A 472 21.26 -7.57 0.23
N LEU A 473 21.05 -7.85 1.51
CA LEU A 473 20.33 -6.96 2.39
C LEU A 473 21.31 -6.15 3.22
N PHE A 474 21.26 -4.83 3.05
CA PHE A 474 22.14 -3.92 3.78
C PHE A 474 21.47 -3.64 5.12
N ASN A 475 21.92 -4.33 6.17
CA ASN A 475 21.32 -4.14 7.48
C ASN A 475 22.13 -3.26 8.40
N ASN A 476 21.73 -2.00 8.53
CA ASN A 476 22.39 -1.09 9.45
C ASN A 476 21.41 -0.71 10.56
N ALA A 477 20.36 -1.52 10.74
CA ALA A 477 19.33 -1.30 11.77
C ALA A 477 19.02 0.18 11.83
N SER A 478 18.68 0.74 10.68
CA SER A 478 18.43 2.16 10.59
C SER A 478 17.90 2.59 9.24
N TRP A 479 17.23 3.74 9.26
CA TRP A 479 16.75 4.39 8.04
C TRP A 479 17.91 5.37 7.89
N GLU A 480 19.06 4.86 7.48
CA GLU A 480 20.28 5.66 7.38
C GLU A 480 20.24 6.88 6.48
N MET A 481 19.61 6.78 5.32
CA MET A 481 19.54 7.97 4.47
C MET A 481 18.94 9.13 5.24
N LEU A 482 17.92 8.85 6.05
CA LEU A 482 17.27 9.92 6.80
C LEU A 482 18.14 10.43 7.96
N ARG A 483 18.90 9.53 8.58
CA ARG A 483 19.79 9.95 9.67
C ARG A 483 20.80 10.93 9.09
N THR A 484 21.35 10.59 7.93
CA THR A 484 22.33 11.43 7.23
C THR A 484 21.75 12.82 6.99
N PHE A 485 20.47 12.89 6.63
CA PHE A 485 19.82 14.17 6.38
C PHE A 485 19.57 14.96 7.68
N GLN A 486 19.33 14.25 8.77
CA GLN A 486 19.02 14.89 10.06
C GLN A 486 19.46 13.94 11.18
N PRO A 487 20.78 13.80 11.38
CA PRO A 487 21.40 12.92 12.40
C PRO A 487 21.08 13.14 13.87
N GLU A 488 20.54 14.30 14.21
CA GLU A 488 20.21 14.57 15.61
C GLU A 488 19.01 13.77 16.10
N SER A 489 18.07 13.51 15.19
CA SER A 489 16.84 12.78 15.51
C SER A 489 17.04 11.34 15.93
N ALA A 490 16.16 10.86 16.80
CA ALA A 490 16.25 9.48 17.31
C ALA A 490 15.27 8.50 16.64
N PHE A 491 14.25 9.01 15.96
CA PHE A 491 13.26 8.15 15.33
C PHE A 491 13.73 7.38 14.11
N ASN A 492 14.97 7.61 13.69
CA ASN A 492 15.52 6.90 12.54
C ASN A 492 16.22 5.64 12.99
N ASP A 493 16.24 5.42 14.31
CA ASP A 493 16.86 4.22 14.87
C ASP A 493 15.94 3.01 14.71
N LEU A 494 16.45 1.91 14.19
CA LEU A 494 15.63 0.72 14.05
C LEU A 494 16.26 -0.41 14.85
N ASP A 495 15.46 -1.44 15.13
CA ASP A 495 15.93 -2.60 15.86
C ASP A 495 16.75 -3.46 14.89
N ASP A 496 17.44 -4.45 15.44
CA ASP A 496 18.20 -5.37 14.61
C ASP A 496 17.36 -6.62 14.36
N TRP A 497 16.70 -6.64 13.20
CA TRP A 497 15.86 -7.77 12.80
C TRP A 497 16.79 -8.85 12.29
N ARG A 498 16.53 -10.10 12.64
CA ARG A 498 17.39 -11.19 12.19
C ARG A 498 16.82 -11.76 10.89
N PHE A 499 17.03 -11.02 9.80
CA PHE A 499 16.51 -11.43 8.50
C PHE A 499 17.04 -12.75 7.98
N ALA A 500 18.33 -13.02 8.15
CA ALA A 500 18.87 -14.30 7.68
C ALA A 500 18.18 -15.43 8.42
N ASP A 501 17.95 -15.26 9.72
CA ASP A 501 17.30 -16.28 10.54
C ASP A 501 15.86 -16.53 10.08
N MET A 502 15.22 -15.49 9.55
CA MET A 502 13.85 -15.60 9.10
C MET A 502 13.72 -16.13 7.67
N ALA A 503 14.84 -16.21 6.95
CA ALA A 503 14.81 -16.68 5.56
C ALA A 503 14.25 -18.08 5.39
N ALA A 504 14.65 -18.99 6.28
CA ALA A 504 14.20 -20.37 6.21
C ALA A 504 12.67 -20.47 6.23
N GLY A 505 12.06 -19.65 7.09
CA GLY A 505 10.62 -19.66 7.21
C GLY A 505 9.93 -19.36 5.91
N MET A 506 10.63 -18.61 5.03
CA MET A 506 10.11 -18.23 3.72
C MET A 506 10.57 -19.11 2.57
N GLY A 507 11.27 -20.19 2.90
CA GLY A 507 11.72 -21.10 1.87
C GLY A 507 13.02 -20.77 1.17
N GLY A 508 13.83 -19.89 1.77
CA GLY A 508 15.09 -19.54 1.15
C GLY A 508 16.28 -19.78 2.07
N ASP A 509 17.49 -19.55 1.57
CA ASP A 509 18.69 -19.73 2.38
C ASP A 509 19.20 -18.39 2.85
N GLY A 510 19.25 -18.21 4.16
CA GLY A 510 19.73 -16.96 4.70
C GLY A 510 21.02 -17.12 5.48
N VAL A 511 21.88 -16.12 5.38
CA VAL A 511 23.16 -16.12 6.09
C VAL A 511 23.51 -14.69 6.45
N ARG A 512 23.82 -14.47 7.72
CA ARG A 512 24.19 -13.14 8.16
C ARG A 512 25.72 -13.05 8.10
N VAL A 513 26.23 -11.98 7.51
CA VAL A 513 27.68 -11.81 7.40
C VAL A 513 28.09 -10.50 8.06
N ARG A 514 29.21 -10.54 8.79
CA ARG A 514 29.69 -9.36 9.48
C ARG A 514 31.10 -8.93 9.07
N THR A 515 31.86 -9.84 8.47
CA THR A 515 33.22 -9.53 8.05
C THR A 515 33.33 -9.60 6.54
N ARG A 516 34.29 -8.86 5.98
CA ARG A 516 34.48 -8.86 4.55
C ARG A 516 34.74 -10.25 4.03
N ALA A 517 35.39 -11.08 4.84
CA ALA A 517 35.67 -12.46 4.43
C ALA A 517 34.37 -13.27 4.37
N GLU A 518 33.45 -13.01 5.30
CA GLU A 518 32.19 -13.74 5.30
C GLU A 518 31.34 -13.30 4.12
N LEU A 519 31.44 -12.03 3.78
CA LEU A 519 30.71 -11.46 2.66
C LEU A 519 31.14 -12.16 1.38
N LYS A 520 32.45 -12.19 1.12
CA LYS A 520 32.94 -12.85 -0.09
C LYS A 520 32.51 -14.30 -0.13
N ALA A 521 32.66 -14.99 0.99
CA ALA A 521 32.28 -16.40 1.06
C ALA A 521 30.78 -16.55 0.78
N ALA A 522 29.98 -15.70 1.41
CA ALA A 522 28.53 -15.73 1.24
C ALA A 522 28.13 -15.54 -0.23
N LEU A 523 28.70 -14.53 -0.87
CA LEU A 523 28.37 -14.27 -2.27
C LEU A 523 28.72 -15.47 -3.15
N ASP A 524 29.86 -16.11 -2.90
CA ASP A 524 30.26 -17.27 -3.69
C ASP A 524 29.28 -18.44 -3.54
N LYS A 525 28.87 -18.73 -2.31
CA LYS A 525 27.95 -19.84 -2.10
C LYS A 525 26.58 -19.57 -2.73
N ALA A 526 26.13 -18.32 -2.65
CA ALA A 526 24.83 -17.93 -3.20
C ALA A 526 24.82 -18.17 -4.71
N PHE A 527 25.91 -17.81 -5.38
CA PHE A 527 25.98 -18.01 -6.83
C PHE A 527 26.10 -19.48 -7.19
N ALA A 528 26.58 -20.26 -6.24
CA ALA A 528 26.75 -21.69 -6.47
C ALA A 528 25.50 -22.47 -6.07
N THR A 529 24.54 -21.77 -5.45
CA THR A 529 23.32 -22.42 -4.98
C THR A 529 22.05 -21.90 -5.65
N ARG A 530 21.47 -22.70 -6.54
CA ARG A 530 20.22 -22.32 -7.21
C ARG A 530 19.13 -23.19 -6.59
N GLY A 531 17.87 -22.87 -6.87
CA GLY A 531 16.77 -23.65 -6.35
C GLY A 531 15.94 -22.88 -5.35
N ARG A 532 16.58 -21.97 -4.63
CA ARG A 532 15.88 -21.16 -3.65
C ARG A 532 16.55 -19.79 -3.53
N PHE A 533 15.80 -18.77 -3.14
CA PHE A 533 16.40 -17.47 -3.02
C PHE A 533 17.52 -17.51 -2.00
N GLN A 534 18.54 -16.68 -2.22
CA GLN A 534 19.70 -16.62 -1.36
C GLN A 534 19.75 -15.23 -0.76
N LEU A 535 19.56 -15.15 0.54
CA LEU A 535 19.57 -13.87 1.22
C LEU A 535 20.88 -13.72 1.98
N ILE A 536 21.67 -12.73 1.57
CA ILE A 536 22.93 -12.44 2.23
C ILE A 536 22.67 -11.17 3.03
N GLU A 537 22.52 -11.33 4.34
CA GLU A 537 22.26 -10.20 5.23
C GLU A 537 23.58 -9.62 5.69
N ALA A 538 23.96 -8.50 5.10
CA ALA A 538 25.23 -7.84 5.42
C ALA A 538 25.06 -6.79 6.50
N MET A 539 25.64 -7.06 7.67
CA MET A 539 25.57 -6.14 8.79
C MET A 539 26.52 -4.99 8.49
N ILE A 540 25.99 -3.78 8.53
CA ILE A 540 26.76 -2.59 8.25
C ILE A 540 26.56 -1.63 9.40
N PRO A 541 27.65 -1.11 9.97
CA PRO A 541 27.52 -0.18 11.09
C PRO A 541 26.78 1.09 10.70
N ARG A 542 26.06 1.69 11.64
CA ARG A 542 25.37 2.93 11.36
C ARG A 542 26.46 3.95 11.05
N GLY A 543 26.15 4.94 10.22
CA GLY A 543 27.13 5.96 9.88
C GLY A 543 28.05 5.58 8.74
N VAL A 544 28.10 4.31 8.37
CA VAL A 544 28.94 3.85 7.28
C VAL A 544 28.13 3.88 5.99
N LEU A 545 28.54 4.74 5.05
CA LEU A 545 27.83 4.90 3.79
C LEU A 545 28.65 4.65 2.53
N SER A 546 27.95 4.67 1.39
CA SER A 546 28.61 4.50 0.11
C SER A 546 29.28 5.84 -0.14
N ASP A 547 30.34 5.83 -0.96
CA ASP A 547 31.02 7.09 -1.28
C ASP A 547 30.01 8.06 -1.92
N THR A 548 29.19 7.53 -2.81
CA THR A 548 28.21 8.34 -3.52
C THR A 548 27.17 9.03 -2.61
N LEU A 549 26.58 8.27 -1.70
CA LEU A 549 25.57 8.86 -0.82
C LEU A 549 26.14 9.92 0.11
N ALA A 550 27.33 9.67 0.63
CA ALA A 550 27.95 10.66 1.52
C ALA A 550 27.96 12.00 0.79
N ARG A 551 28.68 12.06 -0.33
CA ARG A 551 28.75 13.30 -1.11
C ARG A 551 27.37 13.85 -1.45
N PHE A 552 26.45 12.98 -1.82
CA PHE A 552 25.10 13.43 -2.17
C PHE A 552 24.48 14.29 -1.08
N VAL A 553 24.88 14.05 0.16
CA VAL A 553 24.36 14.83 1.27
C VAL A 553 25.40 15.86 1.69
N GLN A 554 26.67 15.44 1.74
CA GLN A 554 27.77 16.33 2.10
C GLN A 554 27.89 17.45 1.09
N GLY A 555 26.82 17.66 0.33
CA GLY A 555 26.77 18.70 -0.68
C GLY A 555 25.32 19.11 -0.84
N HIS B 20 2.25 33.29 20.22
CA HIS B 20 2.51 32.48 18.99
C HIS B 20 3.36 31.27 19.28
N MET B 21 3.36 30.33 18.33
CA MET B 21 4.16 29.12 18.44
C MET B 21 4.39 28.57 17.03
N LYS B 22 5.25 27.58 16.91
CA LYS B 22 5.54 26.98 15.62
C LYS B 22 4.29 26.27 15.11
N LEU B 23 4.02 26.37 13.81
CA LEU B 23 2.84 25.74 13.22
C LEU B 23 2.74 24.24 13.57
N ALA B 24 3.83 23.50 13.46
CA ALA B 24 3.79 22.08 13.76
C ALA B 24 3.38 21.84 15.21
N GLU B 25 3.92 22.63 16.12
CA GLU B 25 3.59 22.48 17.53
C GLU B 25 2.13 22.84 17.77
N ALA B 26 1.68 23.90 17.11
CA ALA B 26 0.29 24.32 17.26
C ALA B 26 -0.68 23.19 16.84
N LEU B 27 -0.30 22.45 15.79
CA LEU B 27 -1.14 21.35 15.31
C LEU B 27 -1.13 20.18 16.29
N LEU B 28 0.03 19.84 16.82
CA LEU B 28 0.12 18.74 17.77
C LEU B 28 -0.67 19.03 19.06
N ARG B 29 -0.65 20.29 19.50
CA ARG B 29 -1.38 20.65 20.70
C ARG B 29 -2.87 20.62 20.39
N ALA B 30 -3.22 21.06 19.19
CA ALA B 30 -4.63 21.07 18.79
C ALA B 30 -5.16 19.62 18.75
N LEU B 31 -4.29 18.70 18.36
CA LEU B 31 -4.66 17.29 18.28
C LEU B 31 -4.79 16.74 19.70
N LYS B 32 -3.82 17.03 20.55
CA LYS B 32 -3.90 16.55 21.92
C LYS B 32 -5.12 17.16 22.62
N ASP B 33 -5.42 18.43 22.34
CA ASP B 33 -6.56 19.10 22.95
C ASP B 33 -7.86 18.36 22.61
N ARG B 34 -7.87 17.70 21.46
CA ARG B 34 -9.05 16.98 21.02
C ARG B 34 -9.01 15.51 21.41
N GLY B 35 -8.03 15.14 22.24
CA GLY B 35 -7.97 13.76 22.68
C GLY B 35 -7.02 12.82 21.99
N ALA B 36 -6.35 13.26 20.93
CA ALA B 36 -5.40 12.39 20.24
C ALA B 36 -4.42 11.89 21.29
N GLN B 37 -4.01 10.63 21.21
CA GLN B 37 -3.10 10.06 22.21
C GLN B 37 -1.72 9.70 21.71
N ALA B 38 -1.57 9.63 20.40
CA ALA B 38 -0.27 9.30 19.85
C ALA B 38 -0.20 9.68 18.39
N MET B 39 1.01 9.61 17.86
CA MET B 39 1.28 9.92 16.47
C MET B 39 2.02 8.74 15.87
N PHE B 40 1.40 8.06 14.93
CA PHE B 40 2.05 6.94 14.27
C PHE B 40 2.59 7.52 12.98
N GLY B 41 3.75 7.03 12.56
CA GLY B 41 4.31 7.55 11.33
C GLY B 41 5.62 6.94 10.85
N ILE B 42 5.96 7.30 9.61
CA ILE B 42 7.20 6.90 8.97
C ILE B 42 7.65 8.20 8.31
N PRO B 43 8.88 8.65 8.62
CA PRO B 43 9.38 9.89 8.04
C PRO B 43 9.92 9.74 6.62
N GLY B 44 10.30 10.89 6.06
CA GLY B 44 10.87 11.00 4.74
C GLY B 44 11.44 12.40 4.68
N ASP B 45 12.35 12.66 3.76
CA ASP B 45 12.96 14.01 3.69
C ASP B 45 11.98 15.17 3.80
N PHE B 46 10.86 15.14 3.07
CA PHE B 46 9.90 16.25 3.17
C PHE B 46 9.22 16.35 4.54
N ALA B 47 9.22 15.26 5.29
CA ALA B 47 8.58 15.23 6.61
C ALA B 47 9.55 15.31 7.80
N LEU B 48 10.85 15.34 7.53
CA LEU B 48 11.83 15.36 8.62
C LEU B 48 11.65 16.53 9.59
N PRO B 49 11.46 17.76 9.08
CA PRO B 49 11.27 18.91 9.97
C PRO B 49 10.07 18.72 10.90
N PHE B 50 8.98 18.19 10.35
CA PHE B 50 7.77 17.96 11.14
C PHE B 50 8.05 16.86 12.18
N PHE B 51 8.69 15.78 11.76
CA PHE B 51 8.99 14.71 12.69
C PHE B 51 9.93 15.20 13.79
N LYS B 52 10.79 16.17 13.46
CA LYS B 52 11.72 16.70 14.45
C LYS B 52 10.94 17.44 15.55
N VAL B 53 9.96 18.25 15.17
CA VAL B 53 9.17 18.98 16.14
C VAL B 53 8.39 18.00 17.03
N ALA B 54 7.81 16.98 16.41
CA ALA B 54 7.05 15.98 17.14
C ALA B 54 7.93 15.29 18.18
N GLU B 55 9.14 14.91 17.77
CA GLU B 55 10.05 14.22 18.65
C GLU B 55 10.55 15.10 19.78
N GLU B 56 10.82 16.35 19.46
CA GLU B 56 11.36 17.29 20.45
C GLU B 56 10.34 17.86 21.43
N THR B 57 9.12 18.13 20.98
CA THR B 57 8.13 18.68 21.90
C THR B 57 7.49 17.57 22.73
N GLN B 58 7.45 16.37 22.19
CA GLN B 58 6.86 15.23 22.88
C GLN B 58 5.38 15.46 23.20
N ILE B 59 4.74 16.36 22.47
CA ILE B 59 3.32 16.65 22.68
C ILE B 59 2.54 15.33 22.55
N LEU B 60 2.86 14.55 21.52
CA LEU B 60 2.22 13.26 21.32
C LEU B 60 3.31 12.20 21.19
N PRO B 61 3.17 11.07 21.90
CA PRO B 61 4.18 10.04 21.77
C PRO B 61 4.31 9.73 20.28
N LEU B 62 5.53 9.57 19.79
CA LEU B 62 5.79 9.31 18.39
C LEU B 62 6.15 7.84 18.17
N HIS B 63 5.23 7.10 17.55
CA HIS B 63 5.46 5.69 17.30
C HIS B 63 5.69 5.45 15.82
N THR B 64 6.84 4.85 15.50
CA THR B 64 7.15 4.54 14.11
C THR B 64 6.85 3.07 13.83
N LEU B 65 6.53 2.77 12.57
CA LEU B 65 6.25 1.41 12.18
C LEU B 65 7.11 1.08 10.95
N SER B 66 6.93 -0.08 10.37
CA SER B 66 7.75 -0.49 9.22
C SER B 66 7.28 -0.06 7.83
N HIS B 67 5.97 -0.10 7.60
CA HIS B 67 5.38 0.21 6.28
C HIS B 67 4.14 1.10 6.46
N GLU B 68 3.91 2.05 5.55
CA GLU B 68 2.78 2.97 5.72
C GLU B 68 1.38 2.39 5.89
N PRO B 69 1.07 1.24 5.28
CA PRO B 69 -0.29 0.74 5.51
C PRO B 69 -0.58 0.59 7.01
N ALA B 70 0.44 0.13 7.74
CA ALA B 70 0.32 -0.07 9.18
C ALA B 70 0.18 1.24 9.93
N VAL B 71 0.79 2.30 9.40
CA VAL B 71 0.68 3.60 10.03
C VAL B 71 -0.78 4.01 10.01
N GLY B 72 -1.43 3.83 8.87
CA GLY B 72 -2.84 4.19 8.78
C GLY B 72 -3.73 3.27 9.60
N PHE B 73 -3.47 1.97 9.54
CA PHE B 73 -4.26 1.02 10.32
C PHE B 73 -4.10 1.27 11.82
N ALA B 74 -2.86 1.55 12.26
CA ALA B 74 -2.60 1.77 13.67
C ALA B 74 -3.31 3.05 14.15
N ALA B 75 -3.23 4.10 13.35
CA ALA B 75 -3.89 5.35 13.70
C ALA B 75 -5.39 5.13 13.74
N ASP B 76 -5.89 4.33 12.80
CA ASP B 76 -7.31 4.01 12.75
C ASP B 76 -7.69 3.27 14.03
N ALA B 77 -6.92 2.25 14.39
CA ALA B 77 -7.21 1.49 15.60
C ALA B 77 -7.19 2.36 16.87
N ALA B 78 -6.22 3.27 16.97
CA ALA B 78 -6.15 4.10 18.17
C ALA B 78 -7.37 4.99 18.26
N ALA B 79 -7.86 5.46 17.11
CA ALA B 79 -9.04 6.31 17.09
C ALA B 79 -10.25 5.50 17.53
N ARG B 80 -10.33 4.26 17.07
CA ARG B 80 -11.47 3.43 17.44
C ARG B 80 -11.43 3.06 18.90
N TYR B 81 -10.22 2.83 19.40
CA TYR B 81 -10.01 2.44 20.79
C TYR B 81 -10.44 3.52 21.79
N SER B 82 -10.16 4.78 21.48
CA SER B 82 -10.51 5.84 22.41
C SER B 82 -11.61 6.79 21.96
N SER B 83 -12.29 6.46 20.86
CA SER B 83 -13.35 7.30 20.31
C SER B 83 -12.84 8.73 20.19
N THR B 84 -11.62 8.87 19.68
CA THR B 84 -11.01 10.17 19.51
C THR B 84 -10.27 10.18 18.17
N LEU B 85 -9.50 11.23 17.93
CA LEU B 85 -8.74 11.36 16.68
C LEU B 85 -7.52 10.47 16.64
N GLY B 86 -7.27 9.89 15.47
CA GLY B 86 -6.10 9.05 15.28
C GLY B 86 -5.16 9.94 14.48
N VAL B 87 -3.85 9.72 14.58
CA VAL B 87 -2.91 10.56 13.85
C VAL B 87 -1.89 9.73 13.09
N ALA B 88 -1.85 9.92 11.77
CA ALA B 88 -0.95 9.18 10.88
C ALA B 88 -0.10 10.19 10.10
N ALA B 89 1.21 10.20 10.37
CA ALA B 89 2.11 11.13 9.72
C ALA B 89 3.01 10.42 8.73
N VAL B 90 3.07 10.94 7.51
CA VAL B 90 3.86 10.32 6.48
C VAL B 90 4.56 11.35 5.62
N THR B 91 5.44 10.87 4.76
CA THR B 91 6.11 11.81 3.88
C THR B 91 5.39 11.89 2.54
N TYR B 92 5.70 12.94 1.81
CA TYR B 92 5.12 13.24 0.51
C TYR B 92 5.20 12.08 -0.49
N GLY B 93 4.10 11.85 -1.21
CA GLY B 93 4.08 10.82 -2.25
C GLY B 93 4.26 9.37 -1.82
N ALA B 94 5.52 8.94 -1.77
CA ALA B 94 5.87 7.57 -1.39
C ALA B 94 5.28 7.16 -0.06
N GLY B 95 5.09 8.15 0.81
CA GLY B 95 4.50 7.86 2.10
C GLY B 95 2.98 7.89 2.01
N ALA B 96 2.44 9.05 1.63
CA ALA B 96 1.00 9.26 1.53
C ALA B 96 0.24 8.30 0.61
N PHE B 97 0.74 8.12 -0.61
CA PHE B 97 0.04 7.23 -1.54
C PHE B 97 0.04 5.79 -1.04
N ASN B 98 1.01 5.47 -0.21
CA ASN B 98 1.12 4.12 0.32
C ASN B 98 0.13 3.93 1.48
N MET B 99 -0.62 4.98 1.79
CA MET B 99 -1.58 4.90 2.89
C MET B 99 -3.03 5.11 2.41
N VAL B 100 -3.21 5.21 1.10
CA VAL B 100 -4.53 5.42 0.52
C VAL B 100 -5.55 4.33 0.87
N ASN B 101 -5.11 3.09 0.86
CA ASN B 101 -5.99 1.96 1.15
C ASN B 101 -6.45 1.95 2.62
N ALA B 102 -5.53 2.17 3.54
CA ALA B 102 -5.88 2.21 4.96
C ALA B 102 -6.84 3.38 5.22
N VAL B 103 -6.58 4.51 4.58
CA VAL B 103 -7.44 5.67 4.79
C VAL B 103 -8.82 5.46 4.15
N ALA B 104 -8.87 4.84 2.97
CA ALA B 104 -10.18 4.56 2.35
C ALA B 104 -11.00 3.68 3.32
N GLY B 105 -10.32 2.74 3.97
CA GLY B 105 -11.00 1.86 4.92
C GLY B 105 -11.50 2.61 6.13
N ALA B 106 -10.69 3.55 6.64
CA ALA B 106 -11.09 4.36 7.79
C ALA B 106 -12.28 5.25 7.39
N TYR B 107 -12.27 5.71 6.15
CA TYR B 107 -13.38 6.53 5.68
C TYR B 107 -14.63 5.68 5.63
N ALA B 108 -14.52 4.49 5.05
CA ALA B 108 -15.65 3.59 4.92
C ALA B 108 -16.21 3.22 6.29
N GLU B 109 -15.31 2.98 7.23
CA GLU B 109 -15.70 2.57 8.57
C GLU B 109 -15.80 3.68 9.60
N LYS B 110 -15.85 4.92 9.13
CA LYS B 110 -16.03 6.09 9.96
C LYS B 110 -15.09 6.27 11.16
N SER B 111 -13.79 6.21 10.89
CA SER B 111 -12.79 6.39 11.92
C SER B 111 -12.09 7.72 11.59
N PRO B 112 -12.07 8.67 12.54
CA PRO B 112 -11.41 9.97 12.26
C PRO B 112 -9.89 9.98 12.25
N VAL B 113 -9.31 9.43 11.19
CA VAL B 113 -7.87 9.41 11.07
C VAL B 113 -7.38 10.73 10.47
N VAL B 114 -6.51 11.42 11.20
CA VAL B 114 -5.97 12.68 10.71
C VAL B 114 -4.67 12.34 9.99
N VAL B 115 -4.69 12.49 8.66
CA VAL B 115 -3.50 12.20 7.85
C VAL B 115 -2.69 13.49 7.74
N ILE B 116 -1.45 13.44 8.19
CA ILE B 116 -0.57 14.60 8.11
C ILE B 116 0.56 14.22 7.19
N SER B 117 0.67 14.91 6.06
CA SER B 117 1.73 14.60 5.12
C SER B 117 2.71 15.75 4.92
N GLY B 118 3.99 15.43 4.86
CA GLY B 118 4.98 16.45 4.58
C GLY B 118 4.83 16.74 3.09
N ALA B 119 5.34 17.86 2.64
CA ALA B 119 5.24 18.25 1.23
C ALA B 119 6.37 19.23 0.89
N PRO B 120 6.60 19.46 -0.41
CA PRO B 120 7.66 20.38 -0.80
C PRO B 120 7.38 21.75 -0.20
N GLY B 121 8.43 22.52 0.06
CA GLY B 121 8.23 23.86 0.60
C GLY B 121 7.48 24.71 -0.41
N THR B 122 6.81 25.75 0.08
CA THR B 122 6.03 26.64 -0.78
C THR B 122 6.83 27.32 -1.89
N THR B 123 8.16 27.26 -1.82
CA THR B 123 8.98 27.89 -2.86
C THR B 123 9.80 26.86 -3.64
N GLU B 124 9.50 25.58 -3.43
CA GLU B 124 10.21 24.51 -4.13
C GLU B 124 9.44 24.16 -5.41
N GLY B 125 10.12 23.52 -6.36
CA GLY B 125 9.45 23.13 -7.59
C GLY B 125 9.29 24.23 -8.63
N ASN B 126 10.05 25.31 -8.49
CA ASN B 126 9.97 26.42 -9.44
C ASN B 126 11.28 26.61 -10.21
N ALA B 127 12.18 25.64 -10.10
CA ALA B 127 13.46 25.72 -10.81
C ALA B 127 13.47 24.83 -12.05
N GLY B 128 12.28 24.55 -12.58
CA GLY B 128 12.16 23.72 -13.78
C GLY B 128 12.42 22.23 -13.59
N LEU B 129 12.41 21.78 -12.34
CA LEU B 129 12.65 20.38 -12.06
C LEU B 129 11.47 19.72 -11.35
N LEU B 130 11.25 18.46 -11.67
CA LEU B 130 10.20 17.66 -11.06
C LEU B 130 10.83 17.22 -9.72
N LEU B 131 10.02 17.10 -8.68
CA LEU B 131 10.51 16.72 -7.37
C LEU B 131 10.17 15.28 -7.03
N HIS B 132 11.17 14.54 -6.57
CA HIS B 132 10.95 13.16 -6.18
C HIS B 132 9.71 13.07 -5.29
N HIS B 133 8.89 12.04 -5.51
CA HIS B 133 7.65 11.76 -4.76
C HIS B 133 6.43 12.50 -5.30
N GLN B 134 6.64 13.44 -6.22
CA GLN B 134 5.48 14.15 -6.73
C GLN B 134 4.72 13.28 -7.72
N GLY B 135 3.43 13.54 -7.85
CA GLY B 135 2.62 12.81 -8.81
C GLY B 135 2.70 13.62 -10.10
N ARG B 136 1.73 13.45 -11.00
CA ARG B 136 1.75 14.17 -12.25
C ARG B 136 2.00 15.67 -12.00
N THR B 137 1.35 16.23 -11.00
CA THR B 137 1.60 17.62 -10.62
C THR B 137 1.86 17.62 -9.12
N LEU B 138 2.35 18.73 -8.59
CA LEU B 138 2.62 18.79 -7.17
C LEU B 138 1.33 18.65 -6.37
N ASP B 139 0.21 19.00 -6.99
CA ASP B 139 -1.11 18.95 -6.33
C ASP B 139 -1.86 17.62 -6.51
N THR B 140 -1.26 16.66 -7.21
CA THR B 140 -1.91 15.36 -7.45
C THR B 140 -2.28 14.63 -6.16
N GLN B 141 -1.35 14.58 -5.22
CA GLN B 141 -1.62 13.90 -3.95
C GLN B 141 -2.85 14.50 -3.27
N PHE B 142 -2.91 15.82 -3.23
CA PHE B 142 -4.05 16.49 -2.61
C PHE B 142 -5.36 16.05 -3.28
N GLN B 143 -5.38 16.03 -4.61
CA GLN B 143 -6.60 15.64 -5.33
C GLN B 143 -7.03 14.22 -5.02
N VAL B 144 -6.05 13.34 -4.84
CA VAL B 144 -6.36 11.94 -4.52
C VAL B 144 -6.96 11.90 -3.13
N PHE B 145 -6.33 12.57 -2.18
CA PHE B 145 -6.86 12.52 -0.82
C PHE B 145 -8.25 13.15 -0.64
N LYS B 146 -8.64 14.06 -1.54
CA LYS B 146 -9.96 14.64 -1.45
C LYS B 146 -11.02 13.54 -1.60
N GLU B 147 -10.66 12.48 -2.32
CA GLU B 147 -11.58 11.37 -2.57
C GLU B 147 -11.79 10.45 -1.36
N ILE B 148 -10.88 10.51 -0.40
CA ILE B 148 -10.97 9.62 0.74
C ILE B 148 -10.95 10.30 2.11
N THR B 149 -11.27 11.59 2.14
CA THR B 149 -11.32 12.34 3.38
C THR B 149 -12.50 13.30 3.28
N VAL B 150 -13.00 13.79 4.42
CA VAL B 150 -14.15 14.70 4.40
C VAL B 150 -13.75 16.18 4.43
N ALA B 151 -12.49 16.44 4.72
CA ALA B 151 -11.99 17.81 4.75
C ALA B 151 -10.50 17.79 4.52
N GLN B 152 -9.99 18.83 3.86
CA GLN B 152 -8.57 18.92 3.57
C GLN B 152 -8.06 20.35 3.68
N ALA B 153 -6.77 20.49 3.97
CA ALA B 153 -6.18 21.81 3.99
C ALA B 153 -4.69 21.72 3.78
N ARG B 154 -4.17 22.62 2.97
CA ARG B 154 -2.73 22.72 2.74
C ARG B 154 -2.35 23.91 3.65
N LEU B 155 -1.56 23.65 4.68
CA LEU B 155 -1.19 24.71 5.61
C LEU B 155 -0.01 25.51 5.05
N ASP B 156 -0.29 26.32 4.03
CA ASP B 156 0.74 27.11 3.39
C ASP B 156 0.63 28.61 3.68
N ASP B 157 -0.23 28.97 4.63
CA ASP B 157 -0.43 30.36 5.01
C ASP B 157 -0.53 30.42 6.54
N PRO B 158 0.56 30.82 7.21
CA PRO B 158 0.59 30.90 8.68
C PRO B 158 -0.62 31.64 9.29
N ALA B 159 -1.05 32.72 8.64
CA ALA B 159 -2.17 33.51 9.13
C ALA B 159 -3.50 32.77 9.17
N LYS B 160 -3.71 31.88 8.21
CA LYS B 160 -4.94 31.13 8.13
C LYS B 160 -4.83 29.71 8.71
N ALA B 161 -3.61 29.27 8.98
CA ALA B 161 -3.39 27.92 9.50
C ALA B 161 -4.20 27.54 10.74
N PRO B 162 -4.21 28.40 11.76
CA PRO B 162 -4.98 28.04 12.97
C PRO B 162 -6.44 27.74 12.68
N ALA B 163 -7.08 28.60 11.89
CA ALA B 163 -8.49 28.44 11.54
C ALA B 163 -8.72 27.22 10.66
N GLU B 164 -7.78 26.92 9.77
CA GLU B 164 -7.92 25.78 8.88
C GLU B 164 -7.79 24.47 9.65
N ILE B 165 -6.86 24.45 10.61
CA ILE B 165 -6.67 23.27 11.44
C ILE B 165 -7.94 23.03 12.24
N ALA B 166 -8.53 24.10 12.76
CA ALA B 166 -9.76 23.98 13.54
C ALA B 166 -10.90 23.49 12.68
N ARG B 167 -11.00 24.02 11.46
CA ARG B 167 -12.06 23.61 10.56
C ARG B 167 -11.93 22.13 10.19
N VAL B 168 -10.73 21.75 9.79
CA VAL B 168 -10.46 20.38 9.36
C VAL B 168 -10.61 19.36 10.49
N LEU B 169 -10.00 19.63 11.64
CA LEU B 169 -10.12 18.71 12.77
C LEU B 169 -11.57 18.67 13.25
N GLY B 170 -12.26 19.80 13.15
CA GLY B 170 -13.65 19.86 13.56
C GLY B 170 -14.52 18.97 12.67
N ALA B 171 -14.23 18.96 11.38
CA ALA B 171 -14.97 18.12 10.43
C ALA B 171 -14.72 16.64 10.73
N ALA B 172 -13.49 16.29 11.06
CA ALA B 172 -13.15 14.92 11.39
C ALA B 172 -13.94 14.45 12.61
N ARG B 173 -14.07 15.32 13.61
CA ARG B 173 -14.82 14.95 14.82
C ARG B 173 -16.33 14.85 14.57
N ALA B 174 -16.88 15.84 13.88
CA ALA B 174 -18.30 15.88 13.61
C ALA B 174 -18.77 14.74 12.70
N GLN B 175 -18.02 14.48 11.64
CA GLN B 175 -18.35 13.45 10.68
C GLN B 175 -17.74 12.08 10.98
N SER B 176 -16.76 12.07 11.88
CA SER B 176 -16.06 10.85 12.25
C SER B 176 -15.47 10.13 11.03
N ARG B 177 -14.75 10.88 10.20
CA ARG B 177 -14.10 10.32 9.02
C ARG B 177 -12.71 10.94 8.90
N PRO B 178 -11.83 10.33 8.09
CA PRO B 178 -10.48 10.89 7.97
C PRO B 178 -10.43 12.27 7.34
N VAL B 179 -9.37 13.00 7.67
CA VAL B 179 -9.16 14.33 7.10
C VAL B 179 -7.71 14.37 6.64
N TYR B 180 -7.39 15.38 5.83
CA TYR B 180 -6.06 15.48 5.25
C TYR B 180 -5.40 16.85 5.48
N LEU B 181 -4.18 16.83 5.99
CA LEU B 181 -3.42 18.05 6.24
C LEU B 181 -2.09 17.91 5.53
N GLU B 182 -1.85 18.82 4.60
CA GLU B 182 -0.63 18.80 3.83
C GLU B 182 0.20 19.98 4.32
N ILE B 183 1.41 19.68 4.79
CA ILE B 183 2.26 20.73 5.34
C ILE B 183 3.59 20.94 4.62
N PRO B 184 3.69 22.03 3.85
CA PRO B 184 4.94 22.30 3.14
C PRO B 184 6.07 22.37 4.19
N ARG B 185 7.21 21.80 3.83
CA ARG B 185 8.41 21.75 4.68
C ARG B 185 8.81 23.04 5.40
N ASN B 186 8.78 24.15 4.66
CA ASN B 186 9.20 25.45 5.20
C ASN B 186 8.14 26.13 6.08
N MET B 187 7.00 25.48 6.27
CA MET B 187 5.95 26.04 7.10
C MET B 187 5.91 25.38 8.48
N VAL B 188 6.63 24.27 8.62
CA VAL B 188 6.66 23.52 9.86
C VAL B 188 7.01 24.39 11.06
N ASN B 189 8.04 25.22 10.89
CA ASN B 189 8.46 26.09 11.98
C ASN B 189 8.00 27.54 11.82
N ALA B 190 6.95 27.76 11.03
CA ALA B 190 6.45 29.12 10.84
C ALA B 190 5.63 29.49 12.07
N GLU B 191 5.65 30.78 12.42
CA GLU B 191 4.91 31.25 13.59
C GLU B 191 3.40 31.43 13.36
N VAL B 192 2.61 30.89 14.27
CA VAL B 192 1.15 31.02 14.18
C VAL B 192 0.55 31.24 15.56
N GLU B 193 -0.70 31.68 15.59
CA GLU B 193 -1.42 31.87 16.84
C GLU B 193 -1.93 30.47 17.21
N PRO B 194 -2.28 30.26 18.49
CA PRO B 194 -2.77 28.93 18.87
C PRO B 194 -4.07 28.58 18.13
N VAL B 195 -4.39 27.30 18.06
CA VAL B 195 -5.60 26.87 17.38
C VAL B 195 -6.74 26.90 18.39
N GLY B 196 -7.85 27.51 17.98
CA GLY B 196 -9.03 27.59 18.84
C GLY B 196 -9.93 26.36 18.70
N ASP B 197 -11.20 26.53 19.03
CA ASP B 197 -12.15 25.41 18.98
C ASP B 197 -12.69 25.12 17.58
N ASP B 198 -13.28 23.94 17.44
CA ASP B 198 -13.86 23.54 16.16
C ASP B 198 -15.01 24.46 15.83
N PRO B 199 -15.28 24.67 14.54
CA PRO B 199 -16.41 25.54 14.20
C PRO B 199 -17.65 24.80 14.75
N ALA B 200 -18.67 25.55 15.13
CA ALA B 200 -19.86 24.92 15.67
C ALA B 200 -20.81 24.43 14.58
N TRP B 201 -21.31 23.21 14.76
CA TRP B 201 -22.27 22.60 13.83
C TRP B 201 -23.62 22.74 14.52
N PRO B 202 -24.36 23.80 14.19
CA PRO B 202 -25.68 24.07 14.77
C PRO B 202 -26.70 22.93 14.60
N VAL B 203 -27.50 22.73 15.64
CA VAL B 203 -28.53 21.70 15.61
C VAL B 203 -29.83 22.38 15.97
N ASP B 204 -30.84 22.22 15.13
CA ASP B 204 -32.15 22.82 15.34
C ASP B 204 -32.86 22.00 16.43
N ARG B 205 -33.08 22.63 17.59
CA ARG B 205 -33.74 21.97 18.72
C ARG B 205 -35.18 21.56 18.44
N ASP B 206 -35.87 22.33 17.59
CA ASP B 206 -37.25 22.02 17.25
C ASP B 206 -37.27 20.78 16.35
N ALA B 207 -36.31 20.69 15.44
CA ALA B 207 -36.25 19.54 14.54
C ALA B 207 -35.90 18.30 15.35
N LEU B 208 -34.94 18.45 16.24
CA LEU B 208 -34.49 17.35 17.10
C LEU B 208 -35.65 16.83 17.97
N ALA B 209 -36.40 17.74 18.57
CA ALA B 209 -37.52 17.35 19.40
C ALA B 209 -38.54 16.58 18.60
N ALA B 210 -38.84 17.06 17.39
CA ALA B 210 -39.81 16.41 16.52
C ALA B 210 -39.30 15.03 16.10
N CYS B 211 -38.00 14.95 15.79
CA CYS B 211 -37.40 13.68 15.37
C CYS B 211 -37.50 12.65 16.49
N ALA B 212 -37.09 13.04 17.69
CA ALA B 212 -37.13 12.15 18.84
C ALA B 212 -38.56 11.71 19.16
N ASP B 213 -39.51 12.65 19.08
CA ASP B 213 -40.89 12.31 19.35
C ASP B 213 -41.40 11.25 18.39
N GLU B 214 -41.04 11.36 17.11
CA GLU B 214 -41.50 10.39 16.13
C GLU B 214 -40.88 9.01 16.32
N VAL B 215 -39.56 9.00 16.58
CA VAL B 215 -38.84 7.76 16.80
C VAL B 215 -39.37 7.03 18.05
N LEU B 216 -39.49 7.73 19.17
CA LEU B 216 -40.00 7.14 20.40
C LEU B 216 -41.40 6.55 20.20
N ALA B 217 -42.26 7.29 19.49
CA ALA B 217 -43.62 6.82 19.21
C ALA B 217 -43.57 5.55 18.35
N ALA B 218 -42.69 5.54 17.35
CA ALA B 218 -42.58 4.37 16.49
C ALA B 218 -42.10 3.16 17.30
N MET B 219 -41.12 3.35 18.16
CA MET B 219 -40.62 2.24 18.97
C MET B 219 -41.66 1.73 19.97
N ARG B 220 -42.50 2.63 20.49
CA ARG B 220 -43.51 2.20 21.46
C ARG B 220 -44.70 1.54 20.76
N SER B 221 -44.91 1.91 19.51
CA SER B 221 -46.01 1.33 18.75
C SER B 221 -45.71 -0.09 18.30
N ALA B 222 -44.43 -0.43 18.18
CA ALA B 222 -44.01 -1.76 17.74
C ALA B 222 -44.25 -2.85 18.79
N THR B 223 -44.66 -4.03 18.35
CA THR B 223 -44.89 -5.13 19.27
C THR B 223 -43.56 -5.84 19.54
N SER B 224 -42.66 -5.81 18.57
CA SER B 224 -41.35 -6.44 18.74
C SER B 224 -40.19 -5.55 18.27
N PRO B 225 -39.97 -4.43 18.97
CA PRO B 225 -38.90 -3.47 18.65
C PRO B 225 -37.53 -4.08 18.92
N VAL B 226 -36.54 -3.68 18.14
CA VAL B 226 -35.19 -4.19 18.27
C VAL B 226 -34.20 -3.05 18.06
N LEU B 227 -33.24 -2.93 18.97
CA LEU B 227 -32.21 -1.89 18.84
C LEU B 227 -30.97 -2.54 18.22
N MET B 228 -30.64 -2.13 16.99
CA MET B 228 -29.48 -2.68 16.31
C MET B 228 -28.37 -1.62 16.30
N VAL B 229 -27.27 -1.90 17.00
CA VAL B 229 -26.18 -0.93 17.09
C VAL B 229 -25.04 -1.21 16.14
N CYS B 230 -24.43 -0.12 15.65
CA CYS B 230 -23.34 -0.21 14.70
C CYS B 230 -22.30 0.86 15.03
N VAL B 231 -21.25 0.96 14.22
CA VAL B 231 -20.13 1.86 14.47
C VAL B 231 -20.31 3.25 15.08
N GLU B 232 -21.25 4.05 14.59
CA GLU B 232 -21.40 5.38 15.16
C GLU B 232 -21.67 5.37 16.66
N VAL B 233 -22.21 4.28 17.17
CA VAL B 233 -22.49 4.21 18.62
C VAL B 233 -21.16 4.36 19.38
N ARG B 234 -20.10 3.76 18.87
CA ARG B 234 -18.81 3.91 19.55
C ARG B 234 -18.11 5.18 19.09
N ARG B 235 -18.14 5.47 17.80
CA ARG B 235 -17.48 6.65 17.30
C ARG B 235 -17.81 7.91 18.10
N TYR B 236 -19.06 8.08 18.48
CA TYR B 236 -19.46 9.27 19.22
C TYR B 236 -19.55 9.05 20.74
N GLY B 237 -18.92 7.98 21.23
CA GLY B 237 -18.91 7.65 22.65
C GLY B 237 -20.27 7.44 23.30
N LEU B 238 -21.18 6.83 22.56
CA LEU B 238 -22.55 6.63 23.03
C LEU B 238 -22.92 5.25 23.59
N GLU B 239 -21.96 4.36 23.73
CA GLU B 239 -22.29 3.02 24.23
C GLU B 239 -23.01 2.94 25.57
N ALA B 240 -22.54 3.71 26.57
CA ALA B 240 -23.19 3.68 27.87
C ALA B 240 -24.62 4.25 27.75
N LYS B 241 -24.74 5.36 27.02
CA LYS B 241 -26.05 5.96 26.86
C LYS B 241 -27.02 5.08 26.07
N VAL B 242 -26.50 4.36 25.08
CA VAL B 242 -27.37 3.49 24.30
C VAL B 242 -27.79 2.29 25.13
N ALA B 243 -26.88 1.78 25.95
CA ALA B 243 -27.20 0.66 26.82
C ALA B 243 -28.33 1.11 27.75
N GLU B 244 -28.20 2.33 28.27
CA GLU B 244 -29.24 2.90 29.14
C GLU B 244 -30.55 3.04 28.36
N LEU B 245 -30.43 3.49 27.11
CA LEU B 245 -31.60 3.68 26.24
C LEU B 245 -32.34 2.37 26.05
N ALA B 246 -31.59 1.30 25.79
CA ALA B 246 -32.22 0.00 25.59
C ALA B 246 -32.96 -0.43 26.85
N GLN B 247 -32.37 -0.17 28.01
CA GLN B 247 -32.98 -0.54 29.28
C GLN B 247 -34.28 0.23 29.56
N ARG B 248 -34.27 1.53 29.32
CA ARG B 248 -35.46 2.35 29.55
C ARG B 248 -36.58 2.00 28.57
N LEU B 249 -36.20 1.58 27.36
CA LEU B 249 -37.19 1.22 26.35
C LEU B 249 -37.65 -0.22 26.56
N GLY B 250 -36.81 -1.00 27.24
CA GLY B 250 -37.15 -2.39 27.48
C GLY B 250 -37.06 -3.17 26.17
N VAL B 251 -36.06 -2.86 25.37
CA VAL B 251 -35.91 -3.57 24.11
C VAL B 251 -34.55 -4.26 24.02
N PRO B 252 -34.47 -5.36 23.28
CA PRO B 252 -33.17 -6.04 23.18
C PRO B 252 -32.25 -5.31 22.21
N VAL B 253 -30.95 -5.48 22.43
CA VAL B 253 -29.93 -4.89 21.58
C VAL B 253 -29.22 -6.00 20.83
N VAL B 254 -29.02 -5.80 19.53
CA VAL B 254 -28.28 -6.75 18.71
C VAL B 254 -27.30 -5.89 17.92
N THR B 255 -26.13 -6.42 17.59
CA THR B 255 -25.19 -5.60 16.82
C THR B 255 -25.22 -6.02 15.36
N THR B 256 -24.71 -5.16 14.49
CA THR B 256 -24.59 -5.49 13.09
C THR B 256 -23.30 -6.29 13.05
N PHE B 257 -22.98 -6.89 11.91
CA PHE B 257 -21.73 -7.65 11.75
C PHE B 257 -20.57 -6.68 12.03
N MET B 258 -20.60 -5.52 11.40
CA MET B 258 -19.55 -4.52 11.59
C MET B 258 -19.51 -4.08 13.06
N GLY B 259 -20.68 -3.99 13.68
CA GLY B 259 -20.80 -3.55 15.07
C GLY B 259 -20.36 -4.55 16.14
N ARG B 260 -19.84 -5.69 15.74
CA ARG B 260 -19.39 -6.70 16.72
C ARG B 260 -18.40 -6.02 17.65
N GLY B 261 -18.53 -6.23 18.96
CA GLY B 261 -17.61 -5.60 19.90
C GLY B 261 -18.21 -4.44 20.64
N LEU B 262 -19.36 -3.96 20.17
CA LEU B 262 -20.05 -2.84 20.82
C LEU B 262 -20.75 -3.25 22.12
N LEU B 263 -20.84 -2.30 23.06
CA LEU B 263 -21.46 -2.54 24.37
C LEU B 263 -20.89 -3.72 25.13
N ALA B 264 -19.59 -3.96 24.94
CA ALA B 264 -18.90 -5.07 25.60
C ALA B 264 -18.97 -5.03 27.13
N ASP B 265 -18.96 -3.84 27.72
CA ASP B 265 -19.06 -3.79 29.17
C ASP B 265 -20.36 -3.16 29.69
N ALA B 266 -21.44 -3.32 28.93
CA ALA B 266 -22.74 -2.82 29.34
C ALA B 266 -23.27 -3.85 30.35
N PRO B 267 -24.03 -3.40 31.37
CA PRO B 267 -24.56 -4.33 32.37
C PRO B 267 -25.30 -5.49 31.70
N THR B 268 -26.09 -5.15 30.68
CA THR B 268 -26.83 -6.14 29.91
C THR B 268 -26.26 -6.05 28.49
N PRO B 269 -25.37 -6.97 28.12
CA PRO B 269 -24.79 -6.92 26.78
C PRO B 269 -25.78 -7.26 25.68
N PRO B 270 -25.40 -6.97 24.42
CA PRO B 270 -26.28 -7.26 23.29
C PRO B 270 -26.64 -8.76 23.31
N LEU B 271 -27.81 -9.11 22.80
CA LEU B 271 -28.22 -10.51 22.74
C LEU B 271 -27.29 -11.26 21.80
N GLY B 272 -26.84 -10.56 20.76
CA GLY B 272 -25.96 -11.19 19.82
C GLY B 272 -25.64 -10.29 18.64
N THR B 273 -25.12 -10.89 17.58
CA THR B 273 -24.74 -10.16 16.38
C THR B 273 -25.51 -10.70 15.17
N TYR B 274 -26.16 -9.81 14.44
CA TYR B 274 -26.95 -10.20 13.27
C TYR B 274 -26.09 -10.51 12.04
N ILE B 275 -26.25 -11.72 11.50
CA ILE B 275 -25.49 -12.12 10.32
C ILE B 275 -26.39 -12.95 9.39
N GLY B 276 -27.70 -12.68 9.48
CA GLY B 276 -28.66 -13.38 8.65
C GLY B 276 -28.56 -14.90 8.67
N VAL B 277 -28.55 -15.49 7.48
CA VAL B 277 -28.48 -16.94 7.36
C VAL B 277 -27.19 -17.51 7.94
N ALA B 278 -26.20 -16.65 8.17
CA ALA B 278 -24.92 -17.10 8.72
C ALA B 278 -24.80 -17.00 10.23
N GLY B 279 -25.74 -16.32 10.88
CA GLY B 279 -25.66 -16.17 12.32
C GLY B 279 -26.65 -17.04 13.08
N ASP B 280 -26.78 -16.79 14.37
CA ASP B 280 -27.72 -17.54 15.20
C ASP B 280 -29.14 -17.33 14.66
N ALA B 281 -29.86 -18.42 14.44
CA ALA B 281 -31.21 -18.39 13.89
C ALA B 281 -32.18 -17.56 14.72
N GLU B 282 -32.03 -17.60 16.04
CA GLU B 282 -32.90 -16.84 16.92
C GLU B 282 -32.65 -15.34 16.78
N ILE B 283 -31.39 -14.95 16.72
CA ILE B 283 -31.05 -13.54 16.54
C ILE B 283 -31.60 -13.07 15.20
N THR B 284 -31.36 -13.87 14.17
CA THR B 284 -31.81 -13.54 12.83
C THR B 284 -33.33 -13.38 12.76
N ARG B 285 -34.05 -14.28 13.41
CA ARG B 285 -35.51 -14.22 13.43
C ARG B 285 -35.98 -12.94 14.15
N LEU B 286 -35.36 -12.64 15.28
CA LEU B 286 -35.71 -11.46 16.05
C LEU B 286 -35.58 -10.20 15.20
N VAL B 287 -34.45 -10.07 14.52
CA VAL B 287 -34.19 -8.92 13.66
C VAL B 287 -35.12 -8.81 12.47
N GLU B 288 -35.22 -9.88 11.70
CA GLU B 288 -36.04 -9.90 10.49
C GLU B 288 -37.55 -9.89 10.70
N GLU B 289 -38.00 -10.28 11.89
CA GLU B 289 -39.43 -10.25 12.16
C GLU B 289 -39.82 -8.97 12.89
N SER B 290 -38.83 -8.20 13.34
CA SER B 290 -39.10 -6.96 14.07
C SER B 290 -39.94 -5.97 13.30
N ASP B 291 -40.90 -5.36 13.99
CA ASP B 291 -41.76 -4.35 13.36
C ASP B 291 -41.34 -3.00 13.92
N GLY B 292 -40.16 -2.98 14.54
CA GLY B 292 -39.62 -1.76 15.11
C GLY B 292 -38.11 -1.84 15.13
N LEU B 293 -37.52 -2.02 13.96
CA LEU B 293 -36.08 -2.15 13.82
C LEU B 293 -35.36 -0.81 13.76
N PHE B 294 -34.67 -0.48 14.84
CA PHE B 294 -33.96 0.80 14.97
C PHE B 294 -32.47 0.58 14.70
N LEU B 295 -32.02 0.95 13.49
CA LEU B 295 -30.62 0.82 13.10
C LEU B 295 -29.86 2.05 13.60
N LEU B 296 -29.26 1.89 14.77
CA LEU B 296 -28.54 2.99 15.42
C LEU B 296 -27.08 3.12 15.00
N GLY B 297 -26.81 4.13 14.16
CA GLY B 297 -25.47 4.43 13.66
C GLY B 297 -24.94 3.39 12.69
N ALA B 298 -25.86 2.76 11.94
CA ALA B 298 -25.54 1.66 11.03
C ALA B 298 -25.15 1.91 9.59
N ILE B 299 -24.10 1.21 9.18
CA ILE B 299 -23.64 1.25 7.80
C ILE B 299 -24.55 0.25 7.06
N LEU B 300 -25.23 0.70 6.02
CA LEU B 300 -26.12 -0.19 5.26
C LEU B 300 -25.29 -0.90 4.20
N SER B 301 -24.47 -1.85 4.63
CA SER B 301 -23.60 -2.57 3.71
C SER B 301 -24.12 -3.96 3.34
N ASP B 302 -23.57 -4.51 2.26
CA ASP B 302 -23.96 -5.84 1.85
C ASP B 302 -23.53 -6.81 2.97
N THR B 303 -22.41 -6.54 3.62
CA THR B 303 -21.96 -7.43 4.69
C THR B 303 -22.90 -7.45 5.90
N ASN B 304 -23.45 -6.30 6.26
CA ASN B 304 -24.37 -6.23 7.39
C ASN B 304 -25.79 -6.73 7.09
N PHE B 305 -26.24 -6.55 5.85
CA PHE B 305 -27.61 -6.90 5.52
C PHE B 305 -27.93 -7.84 4.38
N ALA B 306 -27.02 -8.00 3.41
CA ALA B 306 -27.31 -8.88 2.29
C ALA B 306 -27.27 -10.36 2.68
N VAL B 307 -26.87 -10.66 3.91
CA VAL B 307 -26.83 -12.05 4.32
C VAL B 307 -28.27 -12.55 4.48
N SER B 308 -29.09 -12.09 3.54
CA SER B 308 -30.51 -12.37 3.38
C SER B 308 -31.27 -13.20 4.42
N GLN B 309 -31.97 -14.20 3.91
CA GLN B 309 -32.84 -15.12 4.67
C GLN B 309 -34.22 -14.65 4.26
N ARG B 310 -34.60 -13.48 4.77
CA ARG B 310 -35.86 -12.84 4.45
C ARG B 310 -35.52 -11.37 4.25
N LYS B 311 -35.69 -10.88 3.02
CA LYS B 311 -35.36 -9.51 2.69
C LYS B 311 -35.87 -8.48 3.68
N ILE B 312 -34.96 -7.65 4.18
CA ILE B 312 -35.33 -6.61 5.13
C ILE B 312 -35.70 -5.39 4.32
N ASP B 313 -36.90 -4.85 4.52
CA ASP B 313 -37.30 -3.64 3.82
C ASP B 313 -36.70 -2.51 4.64
N LEU B 314 -35.58 -1.98 4.18
CA LEU B 314 -34.90 -0.90 4.90
C LEU B 314 -35.72 0.38 5.06
N ARG B 315 -36.70 0.57 4.18
CA ARG B 315 -37.57 1.73 4.23
C ARG B 315 -38.53 1.64 5.41
N LYS B 316 -38.66 0.44 5.99
CA LYS B 316 -39.55 0.28 7.13
C LYS B 316 -38.81 0.32 8.45
N THR B 317 -37.50 0.58 8.40
CA THR B 317 -36.72 0.66 9.63
C THR B 317 -36.57 2.13 10.02
N ILE B 318 -35.92 2.34 11.17
CA ILE B 318 -35.61 3.68 11.66
C ILE B 318 -34.10 3.67 11.53
N HIS B 319 -33.56 4.59 10.71
CA HIS B 319 -32.13 4.63 10.48
C HIS B 319 -31.49 5.97 10.80
N ALA B 320 -30.63 5.98 11.81
CA ALA B 320 -29.90 7.18 12.23
C ALA B 320 -28.44 6.95 11.85
N PHE B 321 -27.94 7.77 10.94
CA PHE B 321 -26.58 7.62 10.47
C PHE B 321 -26.18 8.87 9.71
N ASP B 322 -24.88 9.19 9.71
CA ASP B 322 -24.37 10.37 9.00
C ASP B 322 -25.10 11.66 9.32
N ARG B 323 -25.40 11.86 10.60
CA ARG B 323 -26.09 13.08 11.05
C ARG B 323 -27.49 13.26 10.46
N ALA B 324 -28.15 12.15 10.16
CA ALA B 324 -29.50 12.18 9.64
C ALA B 324 -30.30 11.04 10.26
N VAL B 325 -31.62 11.18 10.20
CA VAL B 325 -32.52 10.15 10.71
C VAL B 325 -33.65 9.95 9.72
N THR B 326 -33.80 8.70 9.27
CA THR B 326 -34.83 8.33 8.31
C THR B 326 -35.80 7.30 8.87
N LEU B 327 -37.09 7.58 8.74
CA LEU B 327 -38.13 6.64 9.15
C LEU B 327 -39.42 7.13 8.51
N GLY B 328 -40.36 6.22 8.28
CA GLY B 328 -41.63 6.59 7.68
C GLY B 328 -41.49 7.26 6.32
N TYR B 329 -40.49 6.85 5.55
CA TYR B 329 -40.23 7.37 4.21
C TYR B 329 -39.75 8.81 4.10
N HIS B 330 -39.33 9.38 5.23
CA HIS B 330 -38.82 10.76 5.22
C HIS B 330 -37.53 10.87 6.03
N THR B 331 -36.80 11.94 5.79
CA THR B 331 -35.56 12.15 6.49
C THR B 331 -35.44 13.49 7.21
N TYR B 332 -34.89 13.44 8.42
CA TYR B 332 -34.62 14.61 9.24
C TYR B 332 -33.14 14.85 9.02
N ALA B 333 -32.78 15.99 8.44
CA ALA B 333 -31.36 16.28 8.20
C ALA B 333 -30.73 16.97 9.41
N ASP B 334 -29.41 16.93 9.47
CA ASP B 334 -28.66 17.57 10.56
C ASP B 334 -29.10 17.19 11.96
N ILE B 335 -29.23 15.89 12.20
CA ILE B 335 -29.61 15.37 13.51
C ILE B 335 -28.46 14.46 13.94
N PRO B 336 -27.59 14.94 14.82
CA PRO B 336 -26.45 14.16 15.31
C PRO B 336 -26.98 12.95 16.07
N LEU B 337 -26.29 11.81 15.96
CA LEU B 337 -26.71 10.60 16.66
C LEU B 337 -26.74 10.89 18.16
N ALA B 338 -25.71 11.55 18.66
CA ALA B 338 -25.63 11.89 20.08
C ALA B 338 -26.84 12.72 20.50
N GLY B 339 -27.21 13.69 19.66
CA GLY B 339 -28.36 14.51 19.99
C GLY B 339 -29.65 13.70 20.09
N LEU B 340 -29.82 12.77 19.15
CA LEU B 340 -31.01 11.94 19.15
C LEU B 340 -31.04 11.01 20.36
N VAL B 341 -29.90 10.41 20.70
CA VAL B 341 -29.87 9.54 21.85
C VAL B 341 -30.19 10.32 23.13
N ASP B 342 -29.58 11.50 23.29
CA ASP B 342 -29.85 12.33 24.48
C ASP B 342 -31.31 12.74 24.52
N ALA B 343 -31.87 13.12 23.37
CA ALA B 343 -33.26 13.53 23.29
C ALA B 343 -34.19 12.39 23.67
N LEU B 344 -33.83 11.17 23.28
CA LEU B 344 -34.69 10.04 23.61
C LEU B 344 -34.59 9.78 25.11
N LEU B 345 -33.38 9.80 25.65
CA LEU B 345 -33.21 9.57 27.09
C LEU B 345 -33.97 10.61 27.91
N GLU B 346 -34.03 11.83 27.42
CA GLU B 346 -34.75 12.88 28.14
C GLU B 346 -36.25 12.63 28.16
N ARG B 347 -36.73 11.83 27.21
CA ARG B 347 -38.15 11.52 27.12
C ARG B 347 -38.52 10.21 27.80
N LEU B 348 -37.52 9.55 28.36
CA LEU B 348 -37.74 8.25 29.01
C LEU B 348 -37.33 8.26 30.46
N PRO B 349 -38.23 7.83 31.35
CA PRO B 349 -37.87 7.81 32.77
C PRO B 349 -36.97 6.60 33.01
N PRO B 350 -36.05 6.70 33.99
CA PRO B 350 -35.16 5.57 34.27
C PRO B 350 -36.00 4.33 34.57
N SER B 351 -35.50 3.16 34.21
CA SER B 351 -36.22 1.92 34.47
C SER B 351 -35.42 0.99 35.39
N GLU B 359 -32.10 -13.33 27.08
CA GLU B 359 -31.71 -14.65 26.58
C GLU B 359 -30.60 -14.51 25.55
N PRO B 360 -29.38 -14.19 25.99
CA PRO B 360 -28.19 -14.02 25.13
C PRO B 360 -27.75 -15.27 24.39
N HIS B 361 -27.21 -15.07 23.20
CA HIS B 361 -26.71 -16.17 22.39
C HIS B 361 -25.45 -16.67 23.12
N ALA B 362 -25.44 -17.96 23.47
CA ALA B 362 -24.33 -18.57 24.20
C ALA B 362 -23.02 -18.65 23.41
N TYR B 363 -21.91 -18.57 24.13
CA TYR B 363 -20.59 -18.65 23.51
C TYR B 363 -20.09 -20.09 23.48
N PRO B 364 -19.48 -20.50 22.37
CA PRO B 364 -18.98 -21.87 22.30
C PRO B 364 -17.86 -22.07 23.32
N THR B 365 -17.92 -23.18 24.05
CA THR B 365 -16.94 -23.49 25.06
C THR B 365 -16.61 -24.98 25.02
N GLY B 366 -15.82 -25.43 25.98
CA GLY B 366 -15.47 -26.83 26.09
C GLY B 366 -14.45 -27.33 25.08
N LEU B 367 -13.33 -26.65 24.95
CA LEU B 367 -12.31 -27.09 24.02
C LEU B 367 -11.83 -28.45 24.49
N GLN B 368 -11.75 -29.40 23.59
CA GLN B 368 -11.28 -30.74 23.93
C GLN B 368 -9.78 -30.77 23.67
N ALA B 369 -9.00 -30.55 24.71
CA ALA B 369 -7.55 -30.53 24.59
C ALA B 369 -6.98 -31.91 24.29
N ASP B 370 -7.17 -32.37 23.06
CA ASP B 370 -6.71 -33.68 22.65
C ASP B 370 -5.82 -33.66 21.42
N GLY B 371 -5.64 -34.83 20.80
CA GLY B 371 -4.79 -34.94 19.63
C GLY B 371 -5.46 -34.71 18.29
N GLU B 372 -6.71 -34.22 18.29
CA GLU B 372 -7.41 -33.99 17.02
C GLU B 372 -6.92 -32.69 16.39
N PRO B 373 -7.12 -32.51 15.09
CA PRO B 373 -6.62 -31.25 14.50
C PRO B 373 -7.45 -30.03 14.94
N ILE B 374 -6.90 -28.84 14.70
CA ILE B 374 -7.56 -27.58 15.06
C ILE B 374 -8.49 -27.05 13.98
N ALA B 375 -9.73 -26.73 14.36
CA ALA B 375 -10.68 -26.15 13.43
C ALA B 375 -10.92 -24.75 13.99
N PRO B 376 -11.41 -23.80 13.17
CA PRO B 376 -11.64 -22.44 13.66
C PRO B 376 -12.39 -22.36 15.00
N MET B 377 -13.48 -23.09 15.12
CA MET B 377 -14.28 -23.06 16.34
C MET B 377 -13.47 -23.49 17.57
N ASP B 378 -12.49 -24.36 17.37
CA ASP B 378 -11.67 -24.80 18.49
C ASP B 378 -10.89 -23.65 19.08
N ILE B 379 -10.50 -22.70 18.23
CA ILE B 379 -9.76 -21.54 18.68
C ILE B 379 -10.66 -20.66 19.55
N ALA B 380 -11.91 -20.50 19.12
CA ALA B 380 -12.87 -19.70 19.88
C ALA B 380 -13.13 -20.37 21.23
N ARG B 381 -13.24 -21.71 21.23
CA ARG B 381 -13.48 -22.40 22.50
C ARG B 381 -12.29 -22.19 23.44
N ALA B 382 -11.08 -22.29 22.91
CA ALA B 382 -9.86 -22.13 23.70
C ALA B 382 -9.83 -20.75 24.35
N VAL B 383 -10.16 -19.73 23.56
CA VAL B 383 -10.19 -18.36 24.07
C VAL B 383 -11.30 -18.16 25.09
N ASN B 384 -12.48 -18.65 24.78
CA ASN B 384 -13.61 -18.47 25.69
C ASN B 384 -13.43 -19.24 27.01
N ASP B 385 -12.89 -20.45 26.94
CA ASP B 385 -12.66 -21.25 28.15
C ASP B 385 -11.79 -20.52 29.15
N ARG B 386 -10.78 -19.78 28.66
CA ARG B 386 -9.90 -19.04 29.56
C ARG B 386 -10.65 -17.93 30.25
N VAL B 387 -11.51 -17.22 29.50
CA VAL B 387 -12.28 -16.13 30.09
C VAL B 387 -13.21 -16.67 31.15
N ARG B 388 -13.88 -17.77 30.84
CA ARG B 388 -14.82 -18.37 31.78
C ARG B 388 -14.09 -18.88 33.02
N ALA B 389 -12.80 -19.18 32.86
CA ALA B 389 -12.02 -19.68 33.98
C ALA B 389 -11.49 -18.55 34.86
N GLY B 390 -11.70 -17.29 34.45
CA GLY B 390 -11.24 -16.20 35.29
C GLY B 390 -10.47 -15.09 34.62
N GLN B 391 -10.05 -15.31 33.38
CA GLN B 391 -9.30 -14.30 32.67
C GLN B 391 -10.20 -13.17 32.14
N GLU B 392 -9.86 -11.94 32.48
CA GLU B 392 -10.62 -10.80 31.99
C GLU B 392 -10.45 -10.83 30.46
N PRO B 393 -11.54 -10.69 29.70
CA PRO B 393 -11.38 -10.72 28.24
C PRO B 393 -10.46 -9.62 27.73
N LEU B 394 -9.85 -9.86 26.58
CA LEU B 394 -8.99 -8.85 25.98
C LEU B 394 -9.73 -8.28 24.77
N LEU B 395 -9.35 -7.06 24.39
CA LEU B 395 -9.95 -6.46 23.22
C LEU B 395 -9.38 -7.28 22.07
N ILE B 396 -10.20 -7.54 21.05
CA ILE B 396 -9.75 -8.32 19.90
C ILE B 396 -9.58 -7.46 18.64
N ALA B 397 -8.44 -7.64 17.95
CA ALA B 397 -8.17 -6.93 16.71
C ALA B 397 -8.19 -8.06 15.68
N ALA B 398 -9.07 -7.95 14.70
CA ALA B 398 -9.13 -9.02 13.72
C ALA B 398 -8.97 -8.52 12.30
N ASP B 399 -8.35 -9.35 11.47
CA ASP B 399 -8.17 -9.02 10.08
C ASP B 399 -9.40 -9.57 9.37
N MET B 400 -9.44 -9.42 8.05
CA MET B 400 -10.54 -9.97 7.27
C MET B 400 -10.07 -11.36 6.86
N GLY B 401 -10.97 -12.34 6.99
CA GLY B 401 -10.67 -13.73 6.68
C GLY B 401 -11.53 -14.59 7.60
N ASP B 402 -11.30 -15.89 7.65
CA ASP B 402 -12.12 -16.70 8.56
C ASP B 402 -11.81 -16.29 10.00
N CYS B 403 -10.68 -15.63 10.21
CA CYS B 403 -10.34 -15.21 11.56
C CYS B 403 -11.44 -14.28 12.09
N LEU B 404 -12.01 -13.43 11.22
CA LEU B 404 -13.07 -12.52 11.66
C LEU B 404 -14.37 -13.26 11.94
N PHE B 405 -14.77 -14.15 11.03
CA PHE B 405 -16.00 -14.89 11.24
C PHE B 405 -15.91 -15.78 12.48
N THR B 406 -14.70 -16.22 12.81
CA THR B 406 -14.50 -17.03 14.00
C THR B 406 -14.62 -16.14 15.24
N ALA B 407 -14.01 -14.95 15.19
CA ALA B 407 -14.06 -13.99 16.30
C ALA B 407 -15.50 -13.60 16.68
N MET B 408 -16.43 -13.78 15.76
CA MET B 408 -17.83 -13.48 16.05
C MET B 408 -18.31 -14.34 17.21
N ASP B 409 -17.64 -15.48 17.44
CA ASP B 409 -17.99 -16.39 18.54
C ASP B 409 -17.05 -16.33 19.73
N MET B 410 -16.24 -15.27 19.81
CA MET B 410 -15.31 -15.11 20.92
C MET B 410 -15.79 -14.08 21.94
N ILE B 411 -15.44 -14.31 23.20
CA ILE B 411 -15.79 -13.36 24.26
C ILE B 411 -14.71 -12.29 24.16
N ASP B 412 -15.12 -11.02 24.16
CA ASP B 412 -14.20 -9.91 24.00
C ASP B 412 -14.46 -8.73 24.93
N ALA B 413 -13.50 -7.81 24.96
CA ALA B 413 -13.62 -6.58 25.74
C ALA B 413 -13.57 -5.52 24.64
N GLY B 414 -14.38 -5.75 23.61
CA GLY B 414 -14.40 -4.87 22.47
C GLY B 414 -13.71 -5.59 21.34
N LEU B 415 -14.01 -5.17 20.12
CA LEU B 415 -13.40 -5.79 18.94
C LEU B 415 -13.34 -4.77 17.80
N MET B 416 -12.22 -4.75 17.09
CA MET B 416 -12.10 -3.85 15.94
C MET B 416 -11.71 -4.71 14.75
N ALA B 417 -12.41 -4.51 13.65
CA ALA B 417 -12.16 -5.30 12.44
C ALA B 417 -12.70 -4.53 11.25
N PRO B 418 -12.20 -4.84 10.05
CA PRO B 418 -12.66 -4.16 8.84
C PRO B 418 -13.91 -4.87 8.32
N GLY B 419 -14.95 -4.88 9.15
CA GLY B 419 -16.19 -5.56 8.81
C GLY B 419 -17.03 -4.99 7.69
N TYR B 420 -16.61 -3.87 7.10
CA TYR B 420 -17.36 -3.30 5.97
C TYR B 420 -16.43 -3.14 4.77
N TYR B 421 -15.35 -2.38 4.95
CA TYR B 421 -14.39 -2.17 3.88
C TYR B 421 -13.77 -3.52 3.50
N ALA B 422 -13.56 -4.36 4.51
CA ALA B 422 -13.03 -5.71 4.29
C ALA B 422 -11.63 -5.80 3.71
N GLY B 423 -10.81 -4.78 3.97
CA GLY B 423 -9.46 -4.78 3.45
C GLY B 423 -8.51 -5.54 4.37
N MET B 424 -7.75 -6.47 3.81
CA MET B 424 -6.82 -7.25 4.60
C MET B 424 -5.60 -6.43 5.01
N GLY B 425 -4.95 -6.86 6.10
CA GLY B 425 -3.77 -6.16 6.60
C GLY B 425 -4.06 -5.33 7.84
N PHE B 426 -5.34 -5.13 8.12
CA PHE B 426 -5.81 -4.34 9.26
C PHE B 426 -5.43 -4.96 10.61
N GLY B 427 -5.59 -6.28 10.70
CA GLY B 427 -5.37 -7.03 11.92
C GLY B 427 -4.21 -6.77 12.86
N VAL B 428 -3.01 -7.13 12.43
CA VAL B 428 -1.84 -6.94 13.28
C VAL B 428 -1.54 -5.49 13.57
N PRO B 429 -1.52 -4.63 12.54
CA PRO B 429 -1.25 -3.20 12.79
C PRO B 429 -2.27 -2.58 13.73
N ALA B 430 -3.53 -2.99 13.61
CA ALA B 430 -4.56 -2.44 14.47
C ALA B 430 -4.33 -2.90 15.91
N GLY B 431 -3.96 -4.17 16.09
CA GLY B 431 -3.69 -4.69 17.42
C GLY B 431 -2.56 -3.88 18.03
N ILE B 432 -1.54 -3.62 17.24
CA ILE B 432 -0.39 -2.83 17.69
C ILE B 432 -0.80 -1.40 18.07
N GLY B 433 -1.55 -0.73 17.20
CA GLY B 433 -1.98 0.63 17.48
C GLY B 433 -2.83 0.73 18.73
N ALA B 434 -3.75 -0.22 18.90
CA ALA B 434 -4.61 -0.22 20.07
C ALA B 434 -3.77 -0.42 21.34
N GLN B 435 -2.91 -1.42 21.38
CA GLN B 435 -2.11 -1.65 22.57
C GLN B 435 -1.19 -0.47 22.90
N CYS B 436 -0.75 0.27 21.88
CA CYS B 436 0.09 1.45 22.13
C CYS B 436 -0.64 2.45 22.98
N VAL B 437 -1.97 2.47 22.88
CA VAL B 437 -2.75 3.44 23.66
C VAL B 437 -3.64 2.78 24.72
N SER B 438 -3.41 1.51 25.00
CA SER B 438 -4.25 0.80 25.97
C SER B 438 -3.79 0.86 27.42
N GLY B 439 -2.81 1.70 27.73
CA GLY B 439 -2.33 1.81 29.09
C GLY B 439 -2.04 0.51 29.81
N GLY B 440 -1.42 -0.45 29.14
CA GLY B 440 -1.08 -1.71 29.78
C GLY B 440 -1.95 -2.91 29.43
N LYS B 441 -3.18 -2.67 29.02
CA LYS B 441 -4.06 -3.76 28.66
C LYS B 441 -3.56 -4.46 27.40
N ARG B 442 -3.50 -5.78 27.48
CA ARG B 442 -3.04 -6.59 26.36
C ARG B 442 -4.11 -6.76 25.29
N ILE B 443 -3.68 -6.85 24.04
CA ILE B 443 -4.62 -7.01 22.94
C ILE B 443 -4.46 -8.39 22.31
N LEU B 444 -5.57 -8.97 21.89
CA LEU B 444 -5.56 -10.27 21.22
C LEU B 444 -5.84 -9.99 19.75
N THR B 445 -4.99 -10.53 18.88
CA THR B 445 -5.13 -10.35 17.45
C THR B 445 -5.34 -11.71 16.79
N VAL B 446 -6.30 -11.77 15.88
CA VAL B 446 -6.56 -12.98 15.13
C VAL B 446 -6.35 -12.59 13.66
N VAL B 447 -5.58 -13.40 12.95
CA VAL B 447 -5.23 -13.09 11.57
C VAL B 447 -4.90 -14.34 10.78
N GLY B 448 -5.25 -14.35 9.49
CA GLY B 448 -4.97 -15.50 8.64
C GLY B 448 -3.57 -15.42 8.04
N ASP B 449 -3.13 -16.50 7.39
CA ASP B 449 -1.80 -16.50 6.78
C ASP B 449 -1.70 -15.51 5.62
N GLY B 450 -2.74 -15.42 4.81
CA GLY B 450 -2.69 -14.47 3.71
C GLY B 450 -2.50 -13.06 4.24
N ALA B 451 -3.32 -12.65 5.20
CA ALA B 451 -3.20 -11.30 5.75
C ALA B 451 -1.87 -11.09 6.48
N PHE B 452 -1.41 -12.11 7.19
CA PHE B 452 -0.16 -11.95 7.93
C PHE B 452 0.99 -11.65 6.98
N GLN B 453 0.97 -12.28 5.81
CA GLN B 453 1.99 -12.06 4.78
C GLN B 453 2.04 -10.62 4.33
N MET B 454 0.93 -9.91 4.53
CA MET B 454 0.84 -8.51 4.14
C MET B 454 1.38 -7.58 5.18
N THR B 455 0.86 -7.69 6.41
CA THR B 455 1.28 -6.77 7.47
C THR B 455 1.65 -7.38 8.84
N GLY B 456 1.66 -8.70 8.96
CA GLY B 456 1.98 -9.31 10.25
C GLY B 456 3.39 -8.98 10.72
N TRP B 457 4.23 -8.62 9.76
CA TRP B 457 5.64 -8.28 9.98
C TRP B 457 5.83 -7.08 10.88
N GLU B 458 4.79 -6.26 11.00
CA GLU B 458 4.89 -5.07 11.84
C GLU B 458 5.16 -5.48 13.31
N LEU B 459 4.95 -6.75 13.65
CA LEU B 459 5.19 -7.21 15.03
C LEU B 459 6.65 -6.98 15.41
N GLY B 460 7.52 -6.88 14.40
CA GLY B 460 8.93 -6.65 14.64
C GLY B 460 9.17 -5.31 15.33
N ASN B 461 8.11 -4.50 15.45
CA ASN B 461 8.20 -3.19 16.09
C ASN B 461 7.76 -3.20 17.56
N CYS B 462 7.24 -4.33 18.01
CA CYS B 462 6.74 -4.45 19.37
C CYS B 462 7.75 -4.04 20.46
N ARG B 463 8.95 -4.60 20.40
CA ARG B 463 9.96 -4.25 21.41
C ARG B 463 10.12 -2.75 21.58
N ARG B 464 10.42 -2.05 20.48
CA ARG B 464 10.61 -0.62 20.53
C ARG B 464 9.37 0.12 21.00
N LEU B 465 8.20 -0.40 20.66
CA LEU B 465 6.93 0.21 21.08
C LEU B 465 6.59 -0.12 22.54
N GLY B 466 7.26 -1.11 23.09
CA GLY B 466 6.99 -1.48 24.47
C GLY B 466 5.68 -2.22 24.64
N ILE B 467 5.29 -3.02 23.65
CA ILE B 467 4.06 -3.77 23.72
C ILE B 467 4.31 -5.25 23.50
N ASP B 468 3.33 -6.08 23.86
CA ASP B 468 3.45 -7.52 23.72
C ASP B 468 2.11 -8.20 23.43
N PRO B 469 1.50 -7.89 22.27
CA PRO B 469 0.22 -8.51 21.95
C PRO B 469 0.27 -10.01 21.73
N ILE B 470 -0.86 -10.66 21.96
CA ILE B 470 -0.99 -12.09 21.73
C ILE B 470 -1.63 -12.17 20.36
N VAL B 471 -1.00 -12.93 19.46
CA VAL B 471 -1.47 -13.07 18.10
C VAL B 471 -1.72 -14.52 17.73
N ILE B 472 -2.95 -14.81 17.32
CA ILE B 472 -3.32 -16.15 16.90
C ILE B 472 -3.42 -16.10 15.38
N LEU B 473 -2.50 -16.78 14.73
CA LEU B 473 -2.45 -16.82 13.29
C LEU B 473 -3.10 -18.08 12.77
N PHE B 474 -4.20 -17.92 12.03
CA PHE B 474 -4.90 -19.06 11.44
C PHE B 474 -4.13 -19.39 10.16
N ASN B 475 -3.36 -20.46 10.17
CA ASN B 475 -2.59 -20.81 9.00
C ASN B 475 -3.09 -22.05 8.27
N ASN B 476 -3.75 -21.83 7.13
CA ASN B 476 -4.22 -22.94 6.34
C ASN B 476 -3.54 -22.98 4.96
N ALA B 477 -2.42 -22.27 4.81
CA ALA B 477 -1.69 -22.22 3.53
C ALA B 477 -2.71 -21.99 2.43
N SER B 478 -3.55 -20.98 2.63
CA SER B 478 -4.62 -20.73 1.67
C SER B 478 -5.34 -19.41 1.88
N TRP B 479 -5.89 -18.89 0.79
CA TRP B 479 -6.74 -17.69 0.82
C TRP B 479 -8.06 -18.46 0.83
N GLU B 480 -8.36 -19.04 1.99
CA GLU B 480 -9.53 -19.90 2.15
C GLU B 480 -10.89 -19.29 1.87
N MET B 481 -11.10 -18.04 2.26
CA MET B 481 -12.39 -17.43 1.97
C MET B 481 -12.62 -17.45 0.47
N LEU B 482 -11.57 -17.18 -0.31
CA LEU B 482 -11.70 -17.17 -1.77
C LEU B 482 -11.87 -18.58 -2.31
N ARG B 483 -11.29 -19.56 -1.65
CA ARG B 483 -11.43 -20.95 -2.09
C ARG B 483 -12.90 -21.31 -1.99
N THR B 484 -13.50 -20.90 -0.88
CA THR B 484 -14.92 -21.18 -0.61
C THR B 484 -15.81 -20.62 -1.70
N PHE B 485 -15.49 -19.40 -2.16
CA PHE B 485 -16.24 -18.77 -3.22
C PHE B 485 -16.03 -19.46 -4.56
N GLN B 486 -14.79 -19.89 -4.84
CA GLN B 486 -14.45 -20.50 -6.12
C GLN B 486 -13.43 -21.64 -5.89
N PRO B 487 -13.91 -22.77 -5.35
CA PRO B 487 -13.07 -23.94 -5.04
C PRO B 487 -12.28 -24.57 -6.19
N GLU B 488 -12.69 -24.34 -7.43
CA GLU B 488 -12.01 -24.93 -8.57
C GLU B 488 -10.68 -24.28 -8.93
N SER B 489 -10.43 -23.07 -8.40
CA SER B 489 -9.21 -22.35 -8.73
C SER B 489 -7.98 -22.81 -7.95
N ALA B 490 -6.85 -22.88 -8.64
CA ALA B 490 -5.58 -23.30 -8.04
C ALA B 490 -4.84 -22.16 -7.38
N PHE B 491 -5.09 -20.93 -7.83
CA PHE B 491 -4.39 -19.79 -7.25
C PHE B 491 -4.67 -19.48 -5.79
N ASN B 492 -5.64 -20.15 -5.17
CA ASN B 492 -5.89 -19.89 -3.76
C ASN B 492 -5.03 -20.77 -2.86
N ASP B 493 -4.30 -21.70 -3.48
CA ASP B 493 -3.40 -22.57 -2.73
C ASP B 493 -2.12 -21.79 -2.47
N LEU B 494 -1.80 -21.57 -1.20
CA LEU B 494 -0.59 -20.86 -0.87
C LEU B 494 0.44 -21.84 -0.30
N ASP B 495 1.67 -21.37 -0.16
CA ASP B 495 2.73 -22.20 0.39
C ASP B 495 2.59 -22.18 1.91
N ASP B 496 3.30 -23.08 2.57
CA ASP B 496 3.28 -23.11 4.02
C ASP B 496 4.47 -22.30 4.49
N TRP B 497 4.21 -21.14 5.08
CA TRP B 497 5.24 -20.26 5.60
C TRP B 497 5.36 -20.62 7.08
N ARG B 498 6.59 -20.69 7.60
CA ARG B 498 6.83 -21.04 9.00
C ARG B 498 6.87 -19.77 9.83
N PHE B 499 5.70 -19.19 10.07
CA PHE B 499 5.60 -17.95 10.80
C PHE B 499 6.13 -18.01 12.23
N ALA B 500 5.84 -19.08 12.95
CA ALA B 500 6.32 -19.20 14.33
C ALA B 500 7.86 -19.19 14.33
N ASP B 501 8.46 -19.89 13.36
CA ASP B 501 9.92 -19.95 13.23
C ASP B 501 10.55 -18.58 12.94
N MET B 502 9.77 -17.67 12.35
CA MET B 502 10.25 -16.34 12.01
C MET B 502 10.00 -15.33 13.13
N ALA B 503 9.21 -15.72 14.13
CA ALA B 503 8.89 -14.82 15.23
C ALA B 503 10.10 -14.32 16.01
N ALA B 504 11.05 -15.22 16.23
CA ALA B 504 12.27 -14.87 16.97
C ALA B 504 13.02 -13.73 16.29
N GLY B 505 13.10 -13.80 14.96
CA GLY B 505 13.80 -12.76 14.22
C GLY B 505 13.20 -11.39 14.42
N MET B 506 11.93 -11.35 14.82
CA MET B 506 11.25 -10.06 15.03
C MET B 506 11.16 -9.71 16.51
N GLY B 507 11.80 -10.52 17.37
CA GLY B 507 11.75 -10.22 18.79
C GLY B 507 10.55 -10.78 19.55
N GLY B 508 9.87 -11.76 18.99
CA GLY B 508 8.72 -12.31 19.67
C GLY B 508 8.87 -13.80 19.92
N ASP B 509 7.87 -14.39 20.57
CA ASP B 509 7.89 -15.81 20.85
C ASP B 509 6.84 -16.50 20.00
N GLY B 510 7.28 -17.42 19.16
CA GLY B 510 6.33 -18.11 18.31
C GLY B 510 6.27 -19.58 18.59
N VAL B 511 5.12 -20.18 18.33
CA VAL B 511 4.95 -21.60 18.51
C VAL B 511 3.92 -22.07 17.51
N ARG B 512 4.24 -23.14 16.81
CA ARG B 512 3.32 -23.71 15.84
C ARG B 512 2.58 -24.84 16.55
N VAL B 513 1.26 -24.86 16.39
CA VAL B 513 0.43 -25.89 17.01
C VAL B 513 -0.43 -26.58 15.97
N ARG B 514 -0.58 -27.89 16.12
CA ARG B 514 -1.36 -28.66 15.17
C ARG B 514 -2.53 -29.43 15.78
N THR B 515 -2.45 -29.75 17.07
CA THR B 515 -3.53 -30.46 17.75
C THR B 515 -4.18 -29.51 18.74
N ARG B 516 -5.41 -29.83 19.15
CA ARG B 516 -6.12 -28.97 20.09
C ARG B 516 -5.42 -28.89 21.44
N ALA B 517 -4.75 -29.97 21.83
CA ALA B 517 -4.01 -29.97 23.10
C ALA B 517 -2.85 -28.96 23.05
N GLU B 518 -2.14 -28.90 21.93
CA GLU B 518 -1.03 -27.97 21.77
C GLU B 518 -1.56 -26.54 21.78
N LEU B 519 -2.71 -26.37 21.15
CA LEU B 519 -3.37 -25.08 21.10
C LEU B 519 -3.65 -24.59 22.52
N LYS B 520 -4.25 -25.45 23.34
CA LYS B 520 -4.57 -25.03 24.70
C LYS B 520 -3.33 -24.63 25.48
N ALA B 521 -2.27 -25.43 25.35
CA ALA B 521 -1.03 -25.14 26.06
C ALA B 521 -0.40 -23.81 25.60
N ALA B 522 -0.38 -23.59 24.28
CA ALA B 522 0.21 -22.38 23.72
C ALA B 522 -0.51 -21.12 24.17
N LEU B 523 -1.83 -21.18 24.24
CA LEU B 523 -2.61 -20.02 24.66
C LEU B 523 -2.29 -19.70 26.13
N ASP B 524 -2.25 -20.72 26.97
CA ASP B 524 -1.94 -20.49 28.38
C ASP B 524 -0.54 -19.92 28.51
N LYS B 525 0.41 -20.48 27.75
CA LYS B 525 1.79 -20.02 27.80
C LYS B 525 1.89 -18.56 27.35
N ALA B 526 1.18 -18.23 26.28
CA ALA B 526 1.20 -16.85 25.76
C ALA B 526 0.68 -15.88 26.82
N PHE B 527 -0.46 -16.21 27.42
CA PHE B 527 -1.02 -15.32 28.44
C PHE B 527 -0.14 -15.16 29.68
N ALA B 528 0.66 -16.18 29.97
CA ALA B 528 1.55 -16.16 31.13
C ALA B 528 2.91 -15.60 30.79
N THR B 529 3.06 -15.09 29.56
CA THR B 529 4.35 -14.54 29.14
C THR B 529 4.23 -13.12 28.59
N ARG B 530 4.67 -12.13 29.36
CA ARG B 530 4.64 -10.73 28.95
C ARG B 530 6.04 -10.33 28.48
N GLY B 531 6.17 -9.13 27.92
CA GLY B 531 7.48 -8.66 27.49
C GLY B 531 7.82 -8.80 26.01
N ARG B 532 7.28 -9.82 25.36
CA ARG B 532 7.50 -10.06 23.94
C ARG B 532 6.15 -10.48 23.37
N PHE B 533 5.89 -10.12 22.12
CA PHE B 533 4.63 -10.50 21.51
C PHE B 533 4.65 -12.00 21.45
N GLN B 534 3.47 -12.61 21.55
CA GLN B 534 3.34 -14.05 21.53
C GLN B 534 2.57 -14.48 20.28
N LEU B 535 3.26 -15.17 19.38
CA LEU B 535 2.61 -15.63 18.17
C LEU B 535 2.25 -17.11 18.22
N ILE B 536 0.96 -17.39 18.20
CA ILE B 536 0.50 -18.78 18.21
C ILE B 536 0.02 -19.07 16.80
N GLU B 537 0.79 -19.87 16.09
CA GLU B 537 0.48 -20.24 14.71
C GLU B 537 -0.30 -21.55 14.69
N ALA B 538 -1.62 -21.41 14.59
CA ALA B 538 -2.53 -22.55 14.57
C ALA B 538 -2.69 -23.09 13.17
N MET B 539 -2.25 -24.32 12.97
CA MET B 539 -2.36 -24.95 11.66
C MET B 539 -3.77 -25.47 11.45
N ILE B 540 -4.51 -24.84 10.54
CA ILE B 540 -5.86 -25.26 10.24
C ILE B 540 -5.83 -25.93 8.87
N PRO B 541 -6.45 -27.11 8.76
CA PRO B 541 -6.46 -27.80 7.46
C PRO B 541 -7.24 -27.04 6.39
N ARG B 542 -6.81 -27.18 5.15
CA ARG B 542 -7.53 -26.55 4.05
C ARG B 542 -8.89 -27.22 4.01
N GLY B 543 -9.90 -26.46 3.60
CA GLY B 543 -11.24 -26.99 3.51
C GLY B 543 -11.99 -26.95 4.82
N VAL B 544 -11.31 -26.55 5.89
CA VAL B 544 -11.95 -26.46 7.20
C VAL B 544 -12.22 -24.99 7.53
N LEU B 545 -13.49 -24.62 7.62
CA LEU B 545 -13.82 -23.24 7.91
C LEU B 545 -14.95 -23.14 8.90
N SER B 546 -15.03 -22.02 9.61
CA SER B 546 -16.11 -21.84 10.58
C SER B 546 -17.46 -22.01 9.88
N ASP B 547 -18.45 -22.48 10.63
CA ASP B 547 -19.80 -22.64 10.06
C ASP B 547 -20.34 -21.25 9.65
N THR B 548 -20.01 -20.22 10.42
CA THR B 548 -20.43 -18.86 10.10
C THR B 548 -19.97 -18.46 8.70
N LEU B 549 -18.66 -18.62 8.43
CA LEU B 549 -18.16 -18.27 7.11
C LEU B 549 -18.78 -19.15 6.03
N ALA B 550 -18.85 -20.46 6.28
CA ALA B 550 -19.42 -21.35 5.28
C ALA B 550 -20.82 -20.88 4.87
N ARG B 551 -21.68 -20.65 5.85
CA ARG B 551 -23.04 -20.22 5.58
C ARG B 551 -23.09 -18.82 4.99
N PHE B 552 -22.12 -17.98 5.36
CA PHE B 552 -22.07 -16.63 4.82
C PHE B 552 -21.85 -16.74 3.32
N VAL B 553 -20.80 -17.44 2.93
CA VAL B 553 -20.48 -17.61 1.52
C VAL B 553 -21.58 -18.33 0.74
N GLN B 554 -22.16 -19.38 1.32
CA GLN B 554 -23.23 -20.08 0.63
C GLN B 554 -24.40 -19.14 0.37
N GLY B 555 -24.67 -18.24 1.32
CA GLY B 555 -25.75 -17.30 1.16
C GLY B 555 -25.48 -16.35 0.00
N GLN B 556 -24.23 -15.87 -0.07
CA GLN B 556 -23.81 -14.97 -1.12
C GLN B 556 -23.94 -15.62 -2.49
N LYS B 557 -23.55 -16.89 -2.58
CA LYS B 557 -23.63 -17.60 -3.83
C LYS B 557 -25.08 -17.73 -4.32
N ARG B 558 -26.01 -17.99 -3.40
CA ARG B 558 -27.40 -18.08 -3.83
C ARG B 558 -27.92 -16.71 -4.21
N LEU B 559 -27.46 -15.68 -3.51
CA LEU B 559 -27.89 -14.32 -3.80
C LEU B 559 -27.61 -14.00 -5.26
N HIS B 560 -26.36 -14.19 -5.66
CA HIS B 560 -25.93 -13.92 -7.03
C HIS B 560 -26.00 -15.21 -7.85
N ALA B 561 -27.19 -15.78 -7.94
CA ALA B 561 -27.40 -17.01 -8.69
C ALA B 561 -28.34 -16.77 -9.87
#